data_1WTJ
#
_entry.id   1WTJ
#
_cell.length_a   67.443
_cell.length_b   68.968
_cell.length_c   178.952
_cell.angle_alpha   90.00
_cell.angle_beta   90.00
_cell.angle_gamma   90.00
#
_symmetry.space_group_name_H-M   'P 21 21 21'
#
loop_
_entity.id
_entity.type
_entity.pdbx_description
1 polymer 'ureidoglycolate dehydrogenase'
2 water water
#
_entity_poly.entity_id   1
_entity_poly.type   'polypeptide(L)'
_entity_poly.pdbx_seq_one_letter_code
;MSASHADQPTQTVSYPQLIDLLRRIFVVHGTSPEVADVLAENCASAQRDGSHSHGIFRIPGYLSSLASGWVDGKAVPVVE
DVGAAFVRVDACNGFAQPALAAARSLLIDKARSAGVAILAIRGSHHFAALWPDVEPFAEQGLVALSMVNSMTCVVPHGAR
QPLFGTNPIAFGAPRAGGEPIVFDLATSAIAHGDVQIAAREGRLLPAGMGVDRDGLPTQEPRAILDGGALLPFGGHKGSA
LSMMVELLAAGLTGGNFSFEFDWSKHPGAQTPWTGQLLIVIDPDKGAGQHFAQRSEELVRQLHGVGQERLPGDRRYLERA
RSMAHGIVIAQADLERLQELAGH
;
_entity_poly.pdbx_strand_id   A,B
#
# COMPACT_ATOMS: atom_id res chain seq x y z
N THR A 10 -6.19 7.48 -40.38
CA THR A 10 -6.16 8.02 -39.00
C THR A 10 -5.79 9.49 -38.98
N GLN A 11 -6.72 10.33 -38.50
CA GLN A 11 -6.50 11.76 -38.43
C GLN A 11 -5.77 12.12 -37.14
N THR A 12 -5.18 13.32 -37.11
CA THR A 12 -4.46 13.79 -35.93
C THR A 12 -5.12 15.03 -35.34
N VAL A 13 -5.41 14.98 -34.05
CA VAL A 13 -6.03 16.10 -33.36
C VAL A 13 -5.12 16.54 -32.21
N SER A 14 -5.11 17.84 -31.93
CA SER A 14 -4.28 18.36 -30.86
C SER A 14 -4.94 18.07 -29.52
N TYR A 15 -4.15 18.08 -28.46
CA TYR A 15 -4.65 17.83 -27.12
C TYR A 15 -5.79 18.80 -26.79
N PRO A 16 -5.58 20.11 -27.00
CA PRO A 16 -6.66 21.06 -26.70
C PRO A 16 -7.90 20.85 -27.59
N GLN A 17 -7.69 20.42 -28.83
CA GLN A 17 -8.80 20.17 -29.73
C GLN A 17 -9.65 19.02 -29.19
N LEU A 18 -8.97 17.95 -28.76
CA LEU A 18 -9.67 16.79 -28.21
C LEU A 18 -10.46 17.18 -26.98
N ILE A 19 -9.88 18.02 -26.12
CA ILE A 19 -10.57 18.46 -24.93
C ILE A 19 -11.87 19.17 -25.28
N ASP A 20 -11.79 20.15 -26.19
CA ASP A 20 -12.97 20.89 -26.60
C ASP A 20 -14.03 19.97 -27.21
N LEU A 21 -13.59 18.98 -27.96
CA LEU A 21 -14.50 18.03 -28.60
C LEU A 21 -15.24 17.19 -27.55
N LEU A 22 -14.49 16.63 -26.61
CA LEU A 22 -15.10 15.81 -25.57
C LEU A 22 -15.99 16.65 -24.65
N ARG A 23 -15.60 17.89 -24.39
CA ARG A 23 -16.40 18.75 -23.53
C ARG A 23 -17.76 18.98 -24.17
N ARG A 24 -17.76 19.14 -25.49
CA ARG A 24 -19.01 19.36 -26.24
C ARG A 24 -19.91 18.14 -26.08
N ILE A 25 -19.32 16.95 -26.20
CA ILE A 25 -20.05 15.70 -26.06
C ILE A 25 -20.74 15.60 -24.71
N PHE A 26 -19.99 15.85 -23.64
CA PHE A 26 -20.55 15.80 -22.30
C PHE A 26 -21.67 16.81 -22.10
N VAL A 27 -21.49 18.02 -22.63
CA VAL A 27 -22.52 19.05 -22.50
C VAL A 27 -23.78 18.60 -23.24
N VAL A 28 -23.61 18.08 -24.46
CA VAL A 28 -24.72 17.60 -25.25
C VAL A 28 -25.49 16.50 -24.53
N HIS A 29 -24.77 15.70 -23.74
CA HIS A 29 -25.42 14.61 -23.03
C HIS A 29 -25.83 14.90 -21.59
N GLY A 30 -26.03 16.16 -21.28
CA GLY A 30 -26.52 16.52 -19.95
C GLY A 30 -25.60 16.85 -18.79
N THR A 31 -24.29 16.88 -18.96
CA THR A 31 -23.45 17.22 -17.81
C THR A 31 -23.45 18.73 -17.68
N SER A 32 -23.06 19.22 -16.51
CA SER A 32 -22.96 20.65 -16.29
C SER A 32 -21.69 21.09 -17.00
N PRO A 33 -21.54 22.40 -17.24
CA PRO A 33 -20.32 22.86 -17.93
C PRO A 33 -19.08 22.51 -17.10
N GLU A 34 -19.21 22.62 -15.78
CA GLU A 34 -18.12 22.32 -14.87
C GLU A 34 -17.67 20.88 -14.98
N VAL A 35 -18.64 19.95 -14.93
CA VAL A 35 -18.33 18.53 -15.03
C VAL A 35 -17.73 18.21 -16.39
N ALA A 36 -18.26 18.82 -17.45
CA ALA A 36 -17.76 18.60 -18.79
C ALA A 36 -16.28 18.98 -18.90
N ASP A 37 -15.91 20.12 -18.31
CA ASP A 37 -14.52 20.57 -18.34
C ASP A 37 -13.59 19.54 -17.69
N VAL A 38 -13.99 19.10 -16.50
CA VAL A 38 -13.21 18.13 -15.73
C VAL A 38 -13.05 16.79 -16.44
N LEU A 39 -14.17 16.22 -16.89
CA LEU A 39 -14.11 14.94 -17.56
C LEU A 39 -13.42 14.99 -18.93
N ALA A 40 -13.66 16.07 -19.68
CA ALA A 40 -13.03 16.21 -20.98
C ALA A 40 -11.52 16.22 -20.85
N GLU A 41 -11.02 17.00 -19.90
CA GLU A 41 -9.58 17.08 -19.67
C GLU A 41 -9.02 15.73 -19.23
N ASN A 42 -9.72 15.07 -18.33
CA ASN A 42 -9.28 13.77 -17.82
C ASN A 42 -9.19 12.75 -18.95
N CYS A 43 -10.27 12.62 -19.70
CA CYS A 43 -10.32 11.66 -20.79
C CYS A 43 -9.26 11.98 -21.86
N ALA A 44 -9.18 13.25 -22.23
CA ALA A 44 -8.21 13.67 -23.24
C ALA A 44 -6.77 13.43 -22.75
N SER A 45 -6.53 13.68 -21.46
CA SER A 45 -5.20 13.46 -20.91
C SER A 45 -4.83 11.99 -20.99
N ALA A 46 -5.82 11.12 -20.77
CA ALA A 46 -5.57 9.69 -20.83
C ALA A 46 -5.17 9.30 -22.25
N GLN A 47 -5.90 9.83 -23.24
CA GLN A 47 -5.62 9.55 -24.63
C GLN A 47 -4.22 10.07 -24.99
N ARG A 48 -3.93 11.29 -24.55
CA ARG A 48 -2.65 11.94 -24.79
C ARG A 48 -1.49 11.09 -24.29
N ASP A 49 -1.68 10.45 -23.15
CA ASP A 49 -0.64 9.63 -22.53
C ASP A 49 -0.62 8.17 -22.97
N GLY A 50 -1.49 7.81 -23.90
CA GLY A 50 -1.53 6.45 -24.39
C GLY A 50 -2.28 5.47 -23.51
N SER A 51 -3.13 5.99 -22.62
CA SER A 51 -3.93 5.15 -21.74
C SER A 51 -5.27 4.92 -22.43
N HIS A 52 -5.20 4.27 -23.59
CA HIS A 52 -6.37 3.98 -24.42
C HIS A 52 -7.57 3.39 -23.67
N SER A 53 -7.30 2.47 -22.74
CA SER A 53 -8.37 1.84 -21.96
C SER A 53 -9.07 2.84 -21.04
N HIS A 54 -8.50 4.03 -20.93
CA HIS A 54 -9.07 5.06 -20.07
C HIS A 54 -9.32 6.35 -20.85
N GLY A 55 -9.05 6.31 -22.15
CA GLY A 55 -9.24 7.48 -23.00
C GLY A 55 -10.60 7.53 -23.70
N ILE A 56 -10.60 7.94 -24.97
CA ILE A 56 -11.83 8.06 -25.74
C ILE A 56 -12.64 6.76 -25.78
N PHE A 57 -11.98 5.65 -25.51
CA PHE A 57 -12.63 4.35 -25.50
C PHE A 57 -13.73 4.30 -24.43
N ARG A 58 -13.57 5.11 -23.38
CA ARG A 58 -14.53 5.15 -22.28
C ARG A 58 -15.75 6.03 -22.52
N ILE A 59 -15.74 6.83 -23.58
CA ILE A 59 -16.86 7.71 -23.86
C ILE A 59 -18.22 7.02 -23.90
N PRO A 60 -18.35 5.91 -24.66
CA PRO A 60 -19.65 5.23 -24.70
C PRO A 60 -20.16 4.83 -23.31
N GLY A 61 -19.27 4.33 -22.46
CA GLY A 61 -19.65 3.94 -21.11
C GLY A 61 -20.06 5.13 -20.28
N TYR A 62 -19.37 6.26 -20.47
CA TYR A 62 -19.71 7.48 -19.75
C TYR A 62 -21.13 7.89 -20.11
N LEU A 63 -21.42 7.94 -21.40
CA LEU A 63 -22.72 8.36 -21.88
C LEU A 63 -23.85 7.41 -21.53
N SER A 64 -23.60 6.11 -21.61
CA SER A 64 -24.65 5.15 -21.27
C SER A 64 -24.99 5.24 -19.78
N SER A 65 -23.98 5.52 -18.95
CA SER A 65 -24.19 5.65 -17.52
C SER A 65 -24.98 6.91 -17.20
N LEU A 66 -24.69 7.99 -17.93
CA LEU A 66 -25.39 9.25 -17.73
C LEU A 66 -26.86 9.17 -18.17
N ALA A 67 -27.09 8.47 -19.28
CA ALA A 67 -28.43 8.34 -19.85
C ALA A 67 -29.54 7.92 -18.88
N SER A 68 -29.26 6.94 -18.03
CA SER A 68 -30.27 6.46 -17.08
C SER A 68 -30.35 7.26 -15.79
N GLY A 69 -29.39 8.15 -15.58
CA GLY A 69 -29.39 8.93 -14.36
C GLY A 69 -28.60 8.19 -13.29
N TRP A 70 -28.08 7.01 -13.64
CA TRP A 70 -27.29 6.21 -12.71
C TRP A 70 -26.23 7.10 -12.05
N VAL A 71 -25.60 7.95 -12.86
CA VAL A 71 -24.62 8.92 -12.38
C VAL A 71 -25.17 10.28 -12.78
N ASP A 72 -25.05 11.26 -11.87
CA ASP A 72 -25.57 12.61 -12.10
C ASP A 72 -24.50 13.53 -12.68
N GLY A 73 -24.62 13.82 -13.97
CA GLY A 73 -23.67 14.69 -14.63
C GLY A 73 -23.78 16.15 -14.22
N LYS A 74 -24.78 16.46 -13.40
CA LYS A 74 -24.98 17.83 -12.93
C LYS A 74 -24.81 17.96 -11.43
N ALA A 75 -24.29 16.92 -10.79
CA ALA A 75 -24.09 16.95 -9.35
C ALA A 75 -23.14 18.06 -8.92
N VAL A 76 -23.45 18.66 -7.77
CA VAL A 76 -22.63 19.71 -7.20
C VAL A 76 -22.02 19.14 -5.93
N PRO A 77 -20.69 18.91 -5.93
CA PRO A 77 -20.02 18.36 -4.75
C PRO A 77 -20.19 19.25 -3.52
N VAL A 78 -20.34 18.63 -2.36
CA VAL A 78 -20.50 19.35 -1.10
C VAL A 78 -19.24 19.09 -0.28
N VAL A 79 -18.45 20.13 -0.05
CA VAL A 79 -17.21 20.00 0.71
C VAL A 79 -17.42 20.19 2.20
N GLU A 80 -16.89 19.27 3.00
CA GLU A 80 -17.01 19.33 4.45
C GLU A 80 -15.63 19.42 5.09
N ASP A 81 -15.34 20.58 5.68
CA ASP A 81 -14.07 20.81 6.37
C ASP A 81 -14.28 20.29 7.78
N VAL A 82 -13.81 19.07 8.04
CA VAL A 82 -14.03 18.45 9.35
C VAL A 82 -12.84 18.33 10.29
N GLY A 83 -11.67 18.79 9.85
CA GLY A 83 -10.51 18.71 10.70
C GLY A 83 -9.32 19.45 10.12
N ALA A 84 -8.33 19.76 10.97
CA ALA A 84 -7.16 20.48 10.52
C ALA A 84 -6.49 19.73 9.35
N ALA A 85 -6.66 18.42 9.32
CA ALA A 85 -6.06 17.61 8.24
C ALA A 85 -7.07 16.64 7.63
N PHE A 86 -8.34 16.99 7.66
CA PHE A 86 -9.35 16.08 7.15
C PHE A 86 -10.47 16.80 6.40
N VAL A 87 -10.72 16.36 5.17
CA VAL A 87 -11.77 16.94 4.34
C VAL A 87 -12.63 15.81 3.80
N ARG A 88 -13.95 15.98 3.85
CA ARG A 88 -14.86 14.99 3.29
C ARG A 88 -15.62 15.70 2.19
N VAL A 89 -16.03 14.95 1.18
CA VAL A 89 -16.80 15.53 0.09
C VAL A 89 -17.90 14.58 -0.33
N ASP A 90 -19.13 15.08 -0.36
CA ASP A 90 -20.23 14.25 -0.82
C ASP A 90 -20.29 14.54 -2.31
N ALA A 91 -20.01 13.51 -3.12
CA ALA A 91 -20.02 13.68 -4.57
C ALA A 91 -21.44 13.76 -5.10
N CYS A 92 -22.40 13.49 -4.22
CA CYS A 92 -23.83 13.56 -4.56
C CYS A 92 -24.21 12.79 -5.83
N ASN A 93 -23.75 11.55 -5.91
CA ASN A 93 -24.00 10.66 -7.04
C ASN A 93 -23.38 11.11 -8.35
N GLY A 94 -22.43 12.03 -8.26
CA GLY A 94 -21.76 12.51 -9.46
C GLY A 94 -20.42 11.83 -9.61
N PHE A 95 -19.64 12.27 -10.59
CA PHE A 95 -18.32 11.68 -10.82
C PHE A 95 -17.35 12.08 -9.72
N ALA A 96 -16.32 11.27 -9.51
CA ALA A 96 -15.34 11.53 -8.47
C ALA A 96 -14.43 12.72 -8.78
N GLN A 97 -14.01 12.86 -10.04
CA GLN A 97 -13.10 13.93 -10.40
C GLN A 97 -13.60 15.35 -10.07
N PRO A 98 -14.89 15.64 -10.32
CA PRO A 98 -15.39 16.97 -10.00
C PRO A 98 -15.34 17.22 -8.49
N ALA A 99 -15.57 16.16 -7.71
CA ALA A 99 -15.56 16.26 -6.25
C ALA A 99 -14.15 16.51 -5.76
N LEU A 100 -13.17 15.82 -6.34
CA LEU A 100 -11.77 16.02 -5.97
C LEU A 100 -11.37 17.45 -6.30
N ALA A 101 -11.77 17.93 -7.48
CA ALA A 101 -11.44 19.28 -7.91
C ALA A 101 -12.02 20.34 -6.97
N ALA A 102 -13.24 20.11 -6.49
CA ALA A 102 -13.90 21.05 -5.60
C ALA A 102 -13.18 21.20 -4.25
N ALA A 103 -12.47 20.16 -3.83
CA ALA A 103 -11.79 20.21 -2.54
C ALA A 103 -10.27 20.27 -2.63
N ARG A 104 -9.72 20.20 -3.84
CA ARG A 104 -8.28 20.21 -4.02
C ARG A 104 -7.51 21.35 -3.35
N SER A 105 -7.97 22.59 -3.53
CA SER A 105 -7.28 23.73 -2.92
C SER A 105 -7.24 23.64 -1.40
N LEU A 106 -8.36 23.28 -0.79
CA LEU A 106 -8.43 23.16 0.67
C LEU A 106 -7.54 22.03 1.13
N LEU A 107 -7.54 20.93 0.37
CA LEU A 107 -6.72 19.77 0.72
C LEU A 107 -5.24 20.13 0.72
N ILE A 108 -4.81 20.84 -0.32
CA ILE A 108 -3.41 21.24 -0.43
C ILE A 108 -3.04 22.21 0.69
N ASP A 109 -3.94 23.13 1.03
CA ASP A 109 -3.67 24.07 2.10
C ASP A 109 -3.46 23.31 3.41
N LYS A 110 -4.31 22.33 3.67
CA LYS A 110 -4.20 21.55 4.90
C LYS A 110 -2.93 20.70 4.90
N ALA A 111 -2.61 20.08 3.78
CA ALA A 111 -1.42 19.24 3.69
C ALA A 111 -0.17 20.07 3.98
N ARG A 112 -0.09 21.27 3.41
CA ARG A 112 1.08 22.11 3.62
C ARG A 112 1.13 22.68 5.04
N SER A 113 -0.02 22.99 5.61
CA SER A 113 -0.05 23.55 6.96
C SER A 113 0.14 22.50 8.05
N ALA A 114 -0.67 21.45 8.01
CA ALA A 114 -0.60 20.39 9.01
C ALA A 114 0.48 19.36 8.74
N GLY A 115 0.87 19.21 7.48
CA GLY A 115 1.90 18.25 7.12
C GLY A 115 1.36 17.09 6.29
N VAL A 116 0.09 16.76 6.53
CA VAL A 116 -0.58 15.70 5.81
C VAL A 116 -2.06 16.00 5.89
N ALA A 117 -2.83 15.53 4.91
CA ALA A 117 -4.27 15.75 4.92
C ALA A 117 -4.97 14.65 4.13
N ILE A 118 -6.17 14.34 4.55
CA ILE A 118 -6.97 13.31 3.90
C ILE A 118 -8.20 13.91 3.23
N LEU A 119 -8.56 13.36 2.08
CA LEU A 119 -9.76 13.77 1.38
C LEU A 119 -10.56 12.47 1.25
N ALA A 120 -11.75 12.45 1.83
CA ALA A 120 -12.59 11.27 1.79
C ALA A 120 -13.84 11.57 0.97
N ILE A 121 -13.87 11.07 -0.26
CA ILE A 121 -14.99 11.28 -1.15
C ILE A 121 -15.99 10.13 -1.05
N ARG A 122 -17.26 10.46 -0.90
CA ARG A 122 -18.30 9.43 -0.82
C ARG A 122 -19.39 9.67 -1.85
N GLY A 123 -20.05 8.60 -2.28
CA GLY A 123 -21.13 8.69 -3.25
C GLY A 123 -20.68 9.14 -4.64
N SER A 124 -19.49 8.69 -5.03
CA SER A 124 -18.91 9.06 -6.32
C SER A 124 -18.78 7.94 -7.33
N HIS A 125 -18.73 8.33 -8.59
CA HIS A 125 -18.55 7.38 -9.69
C HIS A 125 -17.19 7.67 -10.32
N HIS A 126 -16.32 6.67 -10.33
CA HIS A 126 -14.98 6.85 -10.91
C HIS A 126 -14.87 5.91 -12.11
N PHE A 127 -14.68 6.49 -13.30
CA PHE A 127 -14.63 5.72 -14.53
C PHE A 127 -13.36 6.06 -15.33
N ALA A 128 -12.26 6.30 -14.63
CA ALA A 128 -11.03 6.66 -15.30
C ALA A 128 -9.82 6.04 -14.64
N ALA A 129 -8.63 6.40 -15.13
CA ALA A 129 -7.39 5.90 -14.54
C ALA A 129 -7.26 6.63 -13.22
N LEU A 130 -6.46 6.09 -12.31
CA LEU A 130 -6.27 6.73 -11.01
C LEU A 130 -5.05 7.67 -10.98
N TRP A 131 -4.03 7.40 -11.79
CA TRP A 131 -2.84 8.25 -11.78
C TRP A 131 -3.13 9.75 -12.02
N PRO A 132 -4.16 10.09 -12.80
CA PRO A 132 -4.42 11.51 -13.02
C PRO A 132 -4.79 12.24 -11.73
N ASP A 133 -5.26 11.49 -10.75
CA ASP A 133 -5.67 12.07 -9.48
C ASP A 133 -4.52 12.40 -8.55
N VAL A 134 -3.42 11.64 -8.65
CA VAL A 134 -2.28 11.88 -7.77
C VAL A 134 -1.17 12.72 -8.42
N GLU A 135 -1.07 12.66 -9.74
CA GLU A 135 -0.05 13.38 -10.47
C GLU A 135 0.07 14.87 -10.15
N PRO A 136 -1.05 15.61 -10.14
CA PRO A 136 -1.00 17.05 -9.84
C PRO A 136 -0.34 17.40 -8.51
N PHE A 137 -0.58 16.57 -7.50
CA PHE A 137 0.00 16.80 -6.19
C PHE A 137 1.52 16.66 -6.24
N ALA A 138 2.00 15.65 -6.95
CA ALA A 138 3.43 15.41 -7.08
C ALA A 138 4.09 16.51 -7.90
N GLU A 139 3.37 17.05 -8.88
CA GLU A 139 3.93 18.12 -9.70
C GLU A 139 4.15 19.35 -8.83
N GLN A 140 3.42 19.43 -7.73
CA GLN A 140 3.52 20.55 -6.80
C GLN A 140 4.41 20.25 -5.59
N GLY A 141 5.19 19.16 -5.68
CA GLY A 141 6.10 18.81 -4.61
C GLY A 141 5.54 17.99 -3.45
N LEU A 142 4.31 17.55 -3.57
CA LEU A 142 3.67 16.77 -2.50
C LEU A 142 3.60 15.29 -2.88
N VAL A 143 3.49 14.44 -1.87
CA VAL A 143 3.38 13.00 -2.09
C VAL A 143 1.90 12.66 -1.92
N ALA A 144 1.38 11.83 -2.80
CA ALA A 144 -0.04 11.47 -2.74
C ALA A 144 -0.29 9.98 -2.95
N LEU A 145 -1.23 9.46 -2.16
CA LEU A 145 -1.63 8.06 -2.23
C LEU A 145 -3.15 8.07 -2.40
N SER A 146 -3.67 7.25 -3.31
CA SER A 146 -5.12 7.20 -3.47
C SER A 146 -5.62 5.78 -3.65
N MET A 147 -6.86 5.54 -3.23
CA MET A 147 -7.48 4.23 -3.34
C MET A 147 -8.94 4.42 -3.74
N VAL A 148 -9.42 3.58 -4.64
CA VAL A 148 -10.81 3.63 -5.08
C VAL A 148 -11.33 2.21 -5.20
N ASN A 149 -12.43 1.90 -4.53
CA ASN A 149 -12.98 0.55 -4.67
C ASN A 149 -13.98 0.62 -5.82
N SER A 150 -14.14 -0.49 -6.54
CA SER A 150 -15.02 -0.48 -7.68
C SER A 150 -16.27 -1.35 -7.58
N MET A 151 -16.38 -2.37 -8.43
CA MET A 151 -17.55 -3.23 -8.41
C MET A 151 -17.19 -4.71 -8.32
N THR A 152 -17.93 -5.44 -7.50
CA THR A 152 -17.68 -6.86 -7.27
C THR A 152 -17.29 -7.70 -8.48
N CYS A 153 -16.11 -8.29 -8.41
CA CYS A 153 -15.62 -9.16 -9.46
C CYS A 153 -14.35 -9.93 -9.09
N VAL A 154 -13.79 -9.64 -7.92
CA VAL A 154 -12.57 -10.30 -7.48
C VAL A 154 -12.82 -11.23 -6.30
N VAL A 155 -12.36 -12.49 -6.43
CA VAL A 155 -12.53 -13.48 -5.38
C VAL A 155 -11.46 -13.30 -4.30
N PRO A 156 -11.87 -13.00 -3.05
CA PRO A 156 -10.89 -12.84 -1.99
C PRO A 156 -10.07 -14.14 -1.85
N HIS A 157 -8.80 -14.03 -1.48
CA HIS A 157 -7.97 -15.23 -1.35
C HIS A 157 -8.60 -16.27 -0.43
N GLY A 158 -8.75 -17.49 -0.95
CA GLY A 158 -9.33 -18.57 -0.15
C GLY A 158 -10.84 -18.67 -0.23
N ALA A 159 -11.49 -17.66 -0.81
CA ALA A 159 -12.95 -17.66 -0.93
C ALA A 159 -13.41 -18.41 -2.18
N ARG A 160 -14.72 -18.58 -2.29
CA ARG A 160 -15.30 -19.28 -3.44
C ARG A 160 -16.10 -18.39 -4.39
N GLN A 161 -16.42 -17.17 -3.96
CA GLN A 161 -17.18 -16.24 -4.79
C GLN A 161 -16.57 -14.84 -4.77
N PRO A 162 -16.83 -14.05 -5.82
CA PRO A 162 -16.28 -12.69 -5.88
C PRO A 162 -16.91 -11.76 -4.85
N LEU A 163 -16.16 -10.75 -4.44
CA LEU A 163 -16.65 -9.77 -3.47
C LEU A 163 -16.02 -8.40 -3.68
N PHE A 164 -14.68 -8.35 -3.76
CA PHE A 164 -13.99 -7.09 -3.94
C PHE A 164 -14.07 -6.60 -5.39
N GLY A 165 -13.82 -5.31 -5.58
CA GLY A 165 -13.79 -4.76 -6.93
C GLY A 165 -12.34 -4.86 -7.39
N THR A 166 -12.02 -4.33 -8.56
CA THR A 166 -10.63 -4.38 -9.04
C THR A 166 -9.76 -3.53 -8.12
N ASN A 167 -10.41 -2.64 -7.37
CA ASN A 167 -9.78 -1.82 -6.34
C ASN A 167 -8.35 -1.33 -6.54
N PRO A 168 -8.17 -0.34 -7.43
CA PRO A 168 -6.82 0.18 -7.68
C PRO A 168 -6.26 1.09 -6.58
N ILE A 169 -4.94 1.17 -6.58
CA ILE A 169 -4.17 2.00 -5.65
C ILE A 169 -3.21 2.79 -6.54
N ALA A 170 -3.04 4.08 -6.24
CA ALA A 170 -2.14 4.94 -7.00
C ALA A 170 -1.24 5.71 -6.05
N PHE A 171 -0.04 6.02 -6.52
CA PHE A 171 0.95 6.73 -5.73
C PHE A 171 1.72 7.71 -6.61
N GLY A 172 1.95 8.91 -6.09
CA GLY A 172 2.69 9.92 -6.85
C GLY A 172 3.67 10.62 -5.94
N ALA A 173 4.90 10.83 -6.43
CA ALA A 173 5.92 11.51 -5.65
C ALA A 173 6.83 12.33 -6.55
N PRO A 174 7.26 13.51 -6.07
CA PRO A 174 8.13 14.36 -6.88
C PRO A 174 9.59 13.87 -6.89
N ARG A 175 10.33 14.31 -7.90
CA ARG A 175 11.75 14.00 -8.04
C ARG A 175 12.39 15.26 -8.61
N ALA A 176 13.57 15.60 -8.10
CA ALA A 176 14.28 16.80 -8.52
C ALA A 176 14.70 16.87 -9.98
N GLY A 177 14.98 15.73 -10.59
CA GLY A 177 15.44 15.74 -11.97
C GLY A 177 14.51 15.24 -13.06
N GLY A 178 13.21 15.26 -12.81
CA GLY A 178 12.29 14.79 -13.83
C GLY A 178 10.83 14.89 -13.45
N GLU A 179 9.98 14.28 -14.26
CA GLU A 179 8.55 14.27 -14.03
C GLU A 179 8.26 13.38 -12.82
N PRO A 180 7.10 13.55 -12.19
CA PRO A 180 6.75 12.75 -11.01
C PRO A 180 6.84 11.23 -11.18
N ILE A 181 7.22 10.55 -10.10
CA ILE A 181 7.29 9.09 -10.08
C ILE A 181 5.84 8.74 -9.74
N VAL A 182 5.15 8.09 -10.68
CA VAL A 182 3.75 7.76 -10.46
C VAL A 182 3.39 6.36 -10.93
N PHE A 183 2.67 5.61 -10.09
CA PHE A 183 2.21 4.30 -10.51
C PHE A 183 0.73 4.19 -10.13
N ASP A 184 0.04 3.32 -10.84
CA ASP A 184 -1.40 3.12 -10.67
C ASP A 184 -1.66 1.65 -10.98
N LEU A 185 -2.04 0.88 -9.96
CA LEU A 185 -2.27 -0.54 -10.16
C LEU A 185 -3.56 -1.08 -9.59
N ALA A 186 -4.22 -1.96 -10.33
CA ALA A 186 -5.43 -2.60 -9.85
C ALA A 186 -4.91 -3.67 -8.89
N THR A 187 -5.67 -4.00 -7.85
CA THR A 187 -5.23 -5.05 -6.94
C THR A 187 -5.67 -6.42 -7.47
N SER A 188 -6.43 -6.41 -8.56
CA SER A 188 -6.81 -7.66 -9.21
C SER A 188 -5.60 -8.02 -10.07
N ALA A 189 -5.48 -9.28 -10.47
CA ALA A 189 -4.34 -9.72 -11.28
C ALA A 189 -4.30 -9.06 -12.64
N ILE A 190 -5.48 -8.65 -13.13
CA ILE A 190 -5.58 -7.99 -14.41
C ILE A 190 -6.73 -6.99 -14.33
N ALA A 191 -6.64 -5.91 -15.08
CA ALA A 191 -7.69 -4.90 -15.10
C ALA A 191 -8.87 -5.46 -15.87
N HIS A 192 -10.07 -5.10 -15.45
CA HIS A 192 -11.27 -5.60 -16.12
C HIS A 192 -11.29 -5.22 -17.60
N GLY A 193 -10.87 -3.99 -17.90
CA GLY A 193 -10.84 -3.53 -19.27
C GLY A 193 -9.98 -4.40 -20.19
N ASP A 194 -8.89 -4.93 -19.64
CA ASP A 194 -7.99 -5.77 -20.42
C ASP A 194 -8.57 -7.14 -20.72
N VAL A 195 -9.52 -7.58 -19.89
CA VAL A 195 -10.16 -8.86 -20.10
C VAL A 195 -11.09 -8.79 -21.30
N GLN A 196 -11.79 -7.67 -21.41
CA GLN A 196 -12.72 -7.47 -22.52
C GLN A 196 -11.93 -7.40 -23.82
N ILE A 197 -10.76 -6.75 -23.77
CA ILE A 197 -9.90 -6.62 -24.94
C ILE A 197 -9.45 -7.99 -25.43
N ALA A 198 -8.96 -8.82 -24.51
CA ALA A 198 -8.51 -10.15 -24.86
C ALA A 198 -9.67 -10.93 -25.48
N ALA A 199 -10.88 -10.68 -24.98
CA ALA A 199 -12.07 -11.35 -25.49
C ALA A 199 -12.31 -10.96 -26.95
N ARG A 200 -12.35 -9.65 -27.21
CA ARG A 200 -12.57 -9.15 -28.56
C ARG A 200 -11.49 -9.60 -29.54
N GLU A 201 -10.24 -9.52 -29.10
CA GLU A 201 -9.12 -9.90 -29.95
C GLU A 201 -8.91 -11.41 -30.01
N GLY A 202 -9.77 -12.16 -29.35
CA GLY A 202 -9.65 -13.61 -29.36
C GLY A 202 -8.32 -14.09 -28.80
N ARG A 203 -7.89 -13.47 -27.71
CA ARG A 203 -6.63 -13.81 -27.06
C ARG A 203 -6.88 -14.53 -25.74
N LEU A 204 -6.02 -15.48 -25.41
CA LEU A 204 -6.14 -16.19 -24.14
C LEU A 204 -5.32 -15.40 -23.14
N LEU A 205 -5.66 -15.53 -21.87
CA LEU A 205 -4.93 -14.83 -20.82
C LEU A 205 -3.96 -15.78 -20.16
N PRO A 206 -2.87 -15.25 -19.59
CA PRO A 206 -1.93 -16.17 -18.93
C PRO A 206 -2.67 -16.76 -17.73
N ALA A 207 -2.15 -17.85 -17.19
CA ALA A 207 -2.79 -18.49 -16.04
C ALA A 207 -2.84 -17.57 -14.83
N GLY A 208 -3.86 -17.78 -13.99
CA GLY A 208 -3.98 -17.00 -12.76
C GLY A 208 -4.72 -15.68 -12.77
N MET A 209 -5.32 -15.32 -13.89
CA MET A 209 -6.04 -14.04 -13.98
C MET A 209 -7.47 -14.13 -13.48
N GLY A 210 -8.12 -15.28 -13.72
CA GLY A 210 -9.49 -15.42 -13.30
C GLY A 210 -10.05 -16.83 -13.31
N VAL A 211 -11.34 -16.94 -13.03
CA VAL A 211 -12.03 -18.22 -12.98
C VAL A 211 -13.34 -18.12 -13.75
N ASP A 212 -13.92 -19.26 -14.11
CA ASP A 212 -15.19 -19.25 -14.82
C ASP A 212 -16.35 -19.19 -13.82
N ARG A 213 -17.56 -19.28 -14.33
CA ARG A 213 -18.76 -19.21 -13.49
C ARG A 213 -18.85 -20.33 -12.46
N ASP A 214 -18.08 -21.40 -12.67
CA ASP A 214 -18.09 -22.53 -11.74
C ASP A 214 -16.94 -22.43 -10.74
N GLY A 215 -16.18 -21.34 -10.82
CA GLY A 215 -15.06 -21.14 -9.90
C GLY A 215 -13.77 -21.83 -10.31
N LEU A 216 -13.76 -22.43 -11.50
CA LEU A 216 -12.59 -23.14 -11.99
C LEU A 216 -11.63 -22.24 -12.76
N PRO A 217 -10.31 -22.46 -12.59
CA PRO A 217 -9.33 -21.63 -13.29
C PRO A 217 -9.56 -21.65 -14.80
N THR A 218 -9.37 -20.51 -15.45
CA THR A 218 -9.55 -20.42 -16.89
C THR A 218 -8.62 -19.38 -17.49
N GLN A 219 -8.34 -19.54 -18.79
CA GLN A 219 -7.51 -18.60 -19.52
C GLN A 219 -8.40 -17.92 -20.55
N GLU A 220 -9.64 -18.38 -20.64
CA GLU A 220 -10.60 -17.83 -21.58
C GLU A 220 -11.25 -16.57 -21.03
N PRO A 221 -10.91 -15.40 -21.60
CA PRO A 221 -11.50 -14.14 -21.14
C PRO A 221 -13.02 -14.13 -21.22
N ARG A 222 -13.58 -14.87 -22.17
CA ARG A 222 -15.02 -14.94 -22.32
C ARG A 222 -15.65 -15.66 -21.12
N ALA A 223 -14.94 -16.66 -20.62
CA ALA A 223 -15.41 -17.43 -19.47
C ALA A 223 -15.43 -16.55 -18.22
N ILE A 224 -14.43 -15.68 -18.08
CA ILE A 224 -14.37 -14.79 -16.94
C ILE A 224 -15.53 -13.80 -17.02
N LEU A 225 -15.78 -13.29 -18.22
CA LEU A 225 -16.85 -12.32 -18.44
C LEU A 225 -18.24 -12.96 -18.34
N ASP A 226 -18.36 -14.22 -18.72
CA ASP A 226 -19.64 -14.92 -18.67
C ASP A 226 -19.97 -15.51 -17.31
N GLY A 227 -20.09 -14.65 -16.30
CA GLY A 227 -20.41 -15.10 -14.96
C GLY A 227 -19.20 -15.53 -14.15
N GLY A 228 -18.01 -15.35 -14.71
CA GLY A 228 -16.79 -15.70 -14.01
C GLY A 228 -16.32 -14.59 -13.10
N ALA A 229 -15.05 -14.63 -12.71
CA ALA A 229 -14.51 -13.62 -11.81
C ALA A 229 -13.01 -13.50 -11.95
N LEU A 230 -12.45 -12.46 -11.35
CA LEU A 230 -11.01 -12.23 -11.39
C LEU A 230 -10.37 -12.63 -10.06
N LEU A 231 -9.07 -12.87 -10.10
CA LEU A 231 -8.33 -13.24 -8.91
C LEU A 231 -7.45 -12.07 -8.49
N PRO A 232 -7.10 -11.99 -7.20
CA PRO A 232 -6.26 -10.90 -6.70
C PRO A 232 -4.80 -11.11 -7.11
N PHE A 233 -4.07 -10.03 -7.37
CA PHE A 233 -2.68 -10.18 -7.77
C PHE A 233 -1.85 -10.61 -6.56
N GLY A 234 -0.85 -11.45 -6.79
CA GLY A 234 -0.01 -11.88 -5.70
C GLY A 234 -0.72 -12.67 -4.62
N GLY A 235 -1.77 -13.37 -4.99
CA GLY A 235 -2.53 -14.17 -4.05
C GLY A 235 -3.01 -13.47 -2.79
N HIS A 236 -2.65 -14.02 -1.63
CA HIS A 236 -3.09 -13.45 -0.37
C HIS A 236 -2.63 -12.01 -0.14
N LYS A 237 -1.50 -11.63 -0.71
CA LYS A 237 -1.00 -10.28 -0.53
C LYS A 237 -1.85 -9.24 -1.25
N GLY A 238 -2.12 -9.46 -2.53
CA GLY A 238 -2.97 -8.53 -3.26
C GLY A 238 -4.37 -8.53 -2.69
N SER A 239 -4.80 -9.70 -2.20
CA SER A 239 -6.14 -9.82 -1.62
C SER A 239 -6.24 -8.94 -0.37
N ALA A 240 -5.20 -8.96 0.46
CA ALA A 240 -5.20 -8.15 1.68
C ALA A 240 -5.23 -6.67 1.33
N LEU A 241 -4.48 -6.29 0.29
CA LEU A 241 -4.44 -4.90 -0.15
C LEU A 241 -5.80 -4.49 -0.71
N SER A 242 -6.49 -5.43 -1.38
CA SER A 242 -7.80 -5.13 -1.94
C SER A 242 -8.79 -4.90 -0.80
N MET A 243 -8.68 -5.71 0.26
CA MET A 243 -9.55 -5.55 1.43
C MET A 243 -9.30 -4.16 2.01
N MET A 244 -8.03 -3.76 2.05
CA MET A 244 -7.69 -2.44 2.57
C MET A 244 -8.38 -1.36 1.72
N VAL A 245 -8.40 -1.53 0.40
CA VAL A 245 -9.04 -0.55 -0.46
C VAL A 245 -10.54 -0.45 -0.15
N GLU A 246 -11.20 -1.59 0.09
CA GLU A 246 -12.62 -1.56 0.45
C GLU A 246 -12.78 -0.74 1.74
N LEU A 247 -11.93 -1.05 2.73
CA LEU A 247 -12.02 -0.36 4.01
C LEU A 247 -11.72 1.13 3.97
N LEU A 248 -10.76 1.52 3.14
CA LEU A 248 -10.36 2.92 3.05
C LEU A 248 -11.19 3.78 2.10
N ALA A 249 -11.53 3.25 0.93
CA ALA A 249 -12.29 4.02 -0.04
C ALA A 249 -13.79 3.99 0.19
N ALA A 250 -14.26 3.01 0.96
CA ALA A 250 -15.69 2.87 1.25
C ALA A 250 -15.98 2.92 2.74
N GLY A 251 -15.35 2.02 3.50
CA GLY A 251 -15.58 1.98 4.93
C GLY A 251 -15.33 3.30 5.65
N LEU A 252 -14.22 3.95 5.31
CA LEU A 252 -13.86 5.22 5.93
C LEU A 252 -14.60 6.42 5.35
N THR A 253 -14.81 6.42 4.03
CA THR A 253 -15.46 7.54 3.37
C THR A 253 -16.96 7.61 3.59
N GLY A 254 -17.60 6.46 3.71
CA GLY A 254 -19.04 6.42 3.89
C GLY A 254 -19.72 5.96 2.62
N GLY A 255 -18.92 5.70 1.58
CA GLY A 255 -19.48 5.23 0.32
C GLY A 255 -19.76 3.74 0.35
N ASN A 256 -20.36 3.22 -0.72
CA ASN A 256 -20.70 1.80 -0.81
C ASN A 256 -19.48 0.91 -0.99
N PHE A 257 -19.54 -0.28 -0.39
CA PHE A 257 -18.48 -1.26 -0.60
C PHE A 257 -18.78 -1.71 -2.03
N SER A 258 -17.83 -2.41 -2.65
CA SER A 258 -18.01 -2.84 -4.05
C SER A 258 -19.21 -3.73 -4.33
N PHE A 259 -19.75 -4.33 -3.27
CA PHE A 259 -20.90 -5.23 -3.39
C PHE A 259 -22.19 -4.63 -2.88
N GLU A 260 -22.19 -3.33 -2.57
CA GLU A 260 -23.39 -2.70 -2.03
C GLU A 260 -24.23 -1.88 -3.01
N PHE A 261 -24.18 -2.27 -4.28
CA PHE A 261 -24.96 -1.61 -5.31
C PHE A 261 -24.92 -2.52 -6.54
N ASP A 262 -25.85 -2.30 -7.46
CA ASP A 262 -25.88 -3.10 -8.68
C ASP A 262 -26.53 -2.29 -9.80
N TRP A 263 -26.44 -2.81 -11.02
CA TRP A 263 -26.99 -2.13 -12.18
C TRP A 263 -28.30 -2.73 -12.66
N SER A 264 -28.91 -3.57 -11.84
CA SER A 264 -30.14 -4.26 -12.22
C SER A 264 -31.35 -3.37 -12.55
N LYS A 265 -31.31 -2.10 -12.17
CA LYS A 265 -32.43 -1.21 -12.45
C LYS A 265 -32.05 -0.06 -13.38
N HIS A 266 -30.81 -0.07 -13.86
CA HIS A 266 -30.34 0.99 -14.74
C HIS A 266 -29.69 0.48 -16.01
N PRO A 267 -30.48 0.27 -17.06
CA PRO A 267 -29.91 -0.23 -18.31
C PRO A 267 -28.75 0.65 -18.77
N GLY A 268 -27.64 0.01 -19.15
CA GLY A 268 -26.49 0.75 -19.63
C GLY A 268 -25.53 1.30 -18.58
N ALA A 269 -25.83 1.10 -17.30
CA ALA A 269 -24.93 1.60 -16.26
C ALA A 269 -23.58 0.89 -16.38
N GLN A 270 -22.49 1.64 -16.27
CA GLN A 270 -21.16 1.06 -16.39
C GLN A 270 -20.19 1.53 -15.31
N THR A 271 -20.64 2.44 -14.45
CA THR A 271 -19.78 2.98 -13.42
C THR A 271 -20.04 2.46 -12.01
N PRO A 272 -18.98 2.32 -11.21
CA PRO A 272 -19.18 1.86 -9.83
C PRO A 272 -19.62 3.09 -9.05
N TRP A 273 -20.53 2.92 -8.10
CA TRP A 273 -21.01 4.03 -7.29
C TRP A 273 -20.46 3.75 -5.90
N THR A 274 -19.27 4.28 -5.64
CA THR A 274 -18.56 4.04 -4.39
C THR A 274 -17.97 5.28 -3.72
N GLY A 275 -16.65 5.40 -3.71
CA GLY A 275 -16.00 6.53 -3.07
C GLY A 275 -14.52 6.54 -3.39
N GLN A 276 -13.78 7.43 -2.75
CA GLN A 276 -12.34 7.54 -3.02
C GLN A 276 -11.61 8.17 -1.85
N LEU A 277 -10.44 7.64 -1.53
CA LEU A 277 -9.64 8.22 -0.47
C LEU A 277 -8.34 8.75 -1.07
N LEU A 278 -7.93 9.91 -0.60
CA LEU A 278 -6.68 10.51 -1.03
C LEU A 278 -5.93 10.98 0.20
N ILE A 279 -4.64 10.66 0.28
CA ILE A 279 -3.80 11.08 1.38
C ILE A 279 -2.71 11.91 0.72
N VAL A 280 -2.61 13.19 1.11
CA VAL A 280 -1.61 14.09 0.53
C VAL A 280 -0.65 14.51 1.64
N ILE A 281 0.64 14.37 1.38
CA ILE A 281 1.67 14.67 2.37
C ILE A 281 2.73 15.65 1.91
N ASP A 282 3.15 16.54 2.79
CA ASP A 282 4.26 17.44 2.46
C ASP A 282 5.43 16.61 2.99
N PRO A 283 6.17 15.95 2.09
CA PRO A 283 7.30 15.14 2.54
C PRO A 283 8.40 15.86 3.29
N ASP A 284 8.50 17.17 3.09
CA ASP A 284 9.54 17.95 3.76
C ASP A 284 9.11 18.71 5.01
N LYS A 285 7.90 18.44 5.50
CA LYS A 285 7.41 19.12 6.71
C LYS A 285 8.37 18.86 7.86
N GLY A 286 9.02 19.92 8.34
CA GLY A 286 9.97 19.81 9.44
C GLY A 286 11.19 18.96 9.15
N ALA A 287 11.54 18.83 7.86
CA ALA A 287 12.66 18.00 7.45
C ALA A 287 13.97 18.74 7.20
N GLY A 288 15.06 18.12 7.62
CA GLY A 288 16.38 18.69 7.42
C GLY A 288 17.00 18.15 6.14
N GLN A 289 16.15 17.92 5.15
CA GLN A 289 16.58 17.39 3.87
C GLN A 289 15.51 17.70 2.82
N HIS A 290 15.78 17.29 1.58
CA HIS A 290 14.84 17.51 0.48
C HIS A 290 14.39 16.18 -0.10
N PHE A 291 13.14 15.81 0.13
CA PHE A 291 12.61 14.56 -0.39
C PHE A 291 12.89 14.39 -1.88
N ALA A 292 12.68 15.44 -2.66
CA ALA A 292 12.89 15.37 -4.11
C ALA A 292 14.32 14.99 -4.49
N GLN A 293 15.27 15.30 -3.62
CA GLN A 293 16.66 14.95 -3.90
C GLN A 293 16.86 13.47 -3.57
N ARG A 294 16.19 13.02 -2.51
CA ARG A 294 16.30 11.62 -2.13
C ARG A 294 15.68 10.74 -3.22
N SER A 295 14.50 11.11 -3.69
CA SER A 295 13.85 10.31 -4.73
C SER A 295 14.66 10.30 -6.02
N GLU A 296 15.32 11.41 -6.33
CA GLU A 296 16.13 11.47 -7.55
C GLU A 296 17.29 10.49 -7.42
N GLU A 297 17.83 10.37 -6.22
CA GLU A 297 18.94 9.45 -5.99
C GLU A 297 18.44 8.01 -6.14
N LEU A 298 17.22 7.73 -5.70
CA LEU A 298 16.67 6.38 -5.84
C LEU A 298 16.54 6.05 -7.32
N VAL A 299 16.13 7.04 -8.10
CA VAL A 299 15.98 6.86 -9.54
C VAL A 299 17.35 6.55 -10.15
N ARG A 300 18.38 7.29 -9.73
CA ARG A 300 19.73 7.07 -10.24
C ARG A 300 20.19 5.65 -9.93
N GLN A 301 19.92 5.21 -8.70
CA GLN A 301 20.31 3.87 -8.28
C GLN A 301 19.54 2.79 -9.01
N LEU A 302 18.27 3.06 -9.32
CA LEU A 302 17.46 2.09 -10.04
C LEU A 302 18.06 1.89 -11.44
N HIS A 303 18.44 2.98 -12.08
CA HIS A 303 19.04 2.89 -13.41
C HIS A 303 20.34 2.10 -13.28
N GLY A 304 21.06 2.34 -12.19
CA GLY A 304 22.33 1.68 -11.95
C GLY A 304 22.26 0.17 -11.85
N VAL A 305 21.14 -0.37 -11.35
CA VAL A 305 21.01 -1.81 -11.23
C VAL A 305 20.29 -2.45 -12.43
N GLY A 306 20.00 -1.65 -13.43
CA GLY A 306 19.38 -2.19 -14.63
C GLY A 306 17.92 -1.88 -14.94
N GLN A 307 17.22 -1.17 -14.07
CA GLN A 307 15.82 -0.86 -14.39
C GLN A 307 15.77 0.32 -15.33
N GLU A 308 15.56 0.02 -16.61
CA GLU A 308 15.50 1.04 -17.64
C GLU A 308 14.29 1.95 -17.53
N ARG A 309 13.13 1.35 -17.33
CA ARG A 309 11.88 2.13 -17.23
C ARG A 309 11.39 2.27 -15.80
N LEU A 310 11.09 3.51 -15.43
CA LEU A 310 10.58 3.83 -14.11
C LEU A 310 9.08 3.97 -14.25
N PRO A 311 8.32 3.64 -13.19
CA PRO A 311 6.87 3.75 -13.27
C PRO A 311 6.43 5.12 -13.79
N GLY A 312 5.73 5.12 -14.92
CA GLY A 312 5.27 6.37 -15.51
C GLY A 312 6.04 6.78 -16.75
N ASP A 313 7.25 6.27 -16.89
CA ASP A 313 8.09 6.58 -18.04
C ASP A 313 7.38 6.38 -19.38
N ARG A 314 6.64 5.28 -19.50
CA ARG A 314 5.93 4.97 -20.72
C ARG A 314 4.95 6.07 -21.11
N ARG A 315 4.19 6.56 -20.14
CA ARG A 315 3.23 7.62 -20.40
C ARG A 315 3.87 8.96 -20.74
N TYR A 316 4.98 9.31 -20.09
CA TYR A 316 5.63 10.58 -20.35
C TYR A 316 6.19 10.64 -21.77
N LEU A 317 6.67 9.51 -22.27
CA LEU A 317 7.22 9.45 -23.61
C LEU A 317 6.08 9.64 -24.62
N GLU A 318 4.95 9.00 -24.36
CA GLU A 318 3.80 9.10 -25.25
C GLU A 318 3.25 10.53 -25.19
N ARG A 319 3.25 11.10 -23.98
CA ARG A 319 2.75 12.46 -23.78
C ARG A 319 3.56 13.44 -24.63
N ALA A 320 4.88 13.28 -24.62
CA ALA A 320 5.76 14.14 -25.40
C ALA A 320 5.41 14.03 -26.88
N ARG A 321 5.18 12.81 -27.34
CA ARG A 321 4.84 12.59 -28.74
C ARG A 321 3.53 13.29 -29.10
N SER A 322 2.53 13.16 -28.23
CA SER A 322 1.23 13.77 -28.47
C SER A 322 1.28 15.29 -28.56
N MET A 323 2.12 15.91 -27.73
CA MET A 323 2.24 17.36 -27.74
C MET A 323 3.06 17.85 -28.91
N ALA A 324 3.91 16.98 -29.45
CA ALA A 324 4.77 17.35 -30.58
C ALA A 324 4.16 17.05 -31.95
N HIS A 325 3.47 15.92 -32.06
CA HIS A 325 2.88 15.52 -33.33
C HIS A 325 1.36 15.42 -33.29
N GLY A 326 0.79 15.67 -32.12
CA GLY A 326 -0.66 15.59 -31.98
C GLY A 326 -1.09 14.19 -31.59
N ILE A 327 -2.36 14.05 -31.25
CA ILE A 327 -2.91 12.76 -30.86
C ILE A 327 -3.50 12.06 -32.07
N VAL A 328 -2.96 10.89 -32.41
CA VAL A 328 -3.43 10.13 -33.55
C VAL A 328 -4.66 9.30 -33.21
N ILE A 329 -5.73 9.50 -33.97
CA ILE A 329 -6.97 8.79 -33.74
C ILE A 329 -7.55 8.31 -35.07
N ALA A 330 -8.14 7.12 -35.07
CA ALA A 330 -8.75 6.56 -36.28
C ALA A 330 -9.83 7.52 -36.74
N GLN A 331 -9.81 7.87 -38.02
CA GLN A 331 -10.80 8.79 -38.57
C GLN A 331 -12.21 8.34 -38.19
N ALA A 332 -12.40 7.02 -38.11
CA ALA A 332 -13.70 6.46 -37.75
C ALA A 332 -14.14 6.95 -36.38
N ASP A 333 -13.22 6.91 -35.41
CA ASP A 333 -13.53 7.34 -34.06
C ASP A 333 -13.73 8.85 -33.98
N LEU A 334 -12.93 9.59 -34.74
CA LEU A 334 -13.03 11.04 -34.74
C LEU A 334 -14.40 11.49 -35.26
N GLU A 335 -14.84 10.89 -36.35
CA GLU A 335 -16.12 11.23 -36.95
C GLU A 335 -17.28 10.95 -36.01
N ARG A 336 -17.27 9.80 -35.35
CA ARG A 336 -18.34 9.46 -34.43
C ARG A 336 -18.32 10.39 -33.22
N LEU A 337 -17.13 10.78 -32.77
CA LEU A 337 -17.02 11.70 -31.64
C LEU A 337 -17.63 13.02 -32.08
N GLN A 338 -17.39 13.36 -33.35
CA GLN A 338 -17.92 14.60 -33.90
C GLN A 338 -19.44 14.51 -33.99
N GLU A 339 -19.95 13.33 -34.31
CA GLU A 339 -21.40 13.13 -34.41
C GLU A 339 -22.02 13.19 -33.02
N LEU A 340 -21.32 12.64 -32.04
CA LEU A 340 -21.80 12.66 -30.66
C LEU A 340 -21.81 14.10 -30.16
N ALA A 341 -20.92 14.90 -30.72
CA ALA A 341 -20.79 16.31 -30.36
C ALA A 341 -21.84 17.14 -31.10
N ASP B 7 15.56 -35.69 17.36
CA ASP B 7 14.68 -34.49 17.46
C ASP B 7 14.94 -33.72 18.75
N GLN B 8 14.78 -32.40 18.68
CA GLN B 8 14.98 -31.52 19.82
C GLN B 8 13.80 -31.51 20.78
N PRO B 9 14.03 -31.89 22.05
CA PRO B 9 12.94 -31.89 23.03
C PRO B 9 12.52 -30.46 23.29
N THR B 10 11.22 -30.23 23.48
CA THR B 10 10.72 -28.88 23.71
C THR B 10 10.22 -28.64 25.12
N GLN B 11 10.02 -27.37 25.44
CA GLN B 11 9.52 -26.95 26.74
C GLN B 11 8.56 -25.80 26.48
N THR B 12 7.86 -25.35 27.52
CA THR B 12 6.93 -24.26 27.37
C THR B 12 7.20 -23.16 28.38
N VAL B 13 7.14 -21.92 27.91
CA VAL B 13 7.35 -20.77 28.77
C VAL B 13 6.13 -19.87 28.61
N SER B 14 5.65 -19.31 29.71
CA SER B 14 4.48 -18.45 29.64
C SER B 14 4.90 -17.15 28.95
N TYR B 15 3.91 -16.42 28.43
CA TYR B 15 4.19 -15.15 27.76
C TYR B 15 4.92 -14.20 28.71
N PRO B 16 4.38 -14.00 29.92
CA PRO B 16 5.06 -13.09 30.86
C PRO B 16 6.47 -13.52 31.24
N GLN B 17 6.69 -14.84 31.35
CA GLN B 17 8.02 -15.36 31.69
C GLN B 17 9.00 -15.04 30.58
N LEU B 18 8.56 -15.19 29.34
CA LEU B 18 9.43 -14.93 28.19
C LEU B 18 9.79 -13.45 28.13
N ILE B 19 8.82 -12.59 28.45
CA ILE B 19 9.07 -11.16 28.45
C ILE B 19 10.16 -10.83 29.48
N ASP B 20 10.00 -11.38 30.69
CA ASP B 20 10.97 -11.13 31.75
C ASP B 20 12.36 -11.61 31.35
N LEU B 21 12.41 -12.79 30.75
CA LEU B 21 13.68 -13.37 30.33
C LEU B 21 14.38 -12.48 29.29
N LEU B 22 13.66 -12.07 28.25
CA LEU B 22 14.25 -11.24 27.23
C LEU B 22 14.63 -9.86 27.76
N ARG B 23 13.84 -9.34 28.70
CA ARG B 23 14.15 -8.03 29.27
C ARG B 23 15.51 -8.09 29.96
N ARG B 24 15.73 -9.15 30.72
CA ARG B 24 17.00 -9.33 31.42
C ARG B 24 18.14 -9.41 30.41
N ILE B 25 17.93 -10.16 29.33
CA ILE B 25 18.96 -10.31 28.30
C ILE B 25 19.37 -8.95 27.73
N PHE B 26 18.39 -8.14 27.36
CA PHE B 26 18.69 -6.83 26.80
C PHE B 26 19.42 -5.93 27.79
N VAL B 27 18.97 -5.92 29.04
CA VAL B 27 19.60 -5.10 30.06
C VAL B 27 21.05 -5.55 30.29
N VAL B 28 21.25 -6.84 30.43
CA VAL B 28 22.58 -7.38 30.66
C VAL B 28 23.51 -7.04 29.50
N HIS B 29 22.95 -6.96 28.29
CA HIS B 29 23.77 -6.67 27.12
C HIS B 29 23.86 -5.22 26.68
N GLY B 30 23.54 -4.30 27.59
CA GLY B 30 23.71 -2.89 27.27
C GLY B 30 22.57 -1.98 26.83
N THR B 31 21.32 -2.42 26.93
CA THR B 31 20.26 -1.50 26.54
C THR B 31 19.75 -0.79 27.78
N SER B 32 19.08 0.34 27.57
CA SER B 32 18.50 1.09 28.67
C SER B 32 17.29 0.26 29.11
N PRO B 33 16.76 0.51 30.31
CA PRO B 33 15.60 -0.27 30.74
C PRO B 33 14.38 -0.03 29.85
N GLU B 34 14.26 1.20 29.33
CA GLU B 34 13.15 1.55 28.45
C GLU B 34 13.20 0.71 27.18
N VAL B 35 14.40 0.65 26.59
CA VAL B 35 14.59 -0.12 25.36
C VAL B 35 14.37 -1.61 25.62
N ALA B 36 14.86 -2.10 26.75
CA ALA B 36 14.69 -3.51 27.08
C ALA B 36 13.21 -3.87 27.24
N ASP B 37 12.45 -2.99 27.89
CA ASP B 37 11.02 -3.23 28.08
C ASP B 37 10.31 -3.33 26.73
N VAL B 38 10.59 -2.38 25.85
CA VAL B 38 9.96 -2.34 24.54
C VAL B 38 10.32 -3.53 23.66
N LEU B 39 11.61 -3.84 23.56
CA LEU B 39 12.05 -4.95 22.72
C LEU B 39 11.66 -6.31 23.29
N ALA B 40 11.71 -6.46 24.60
CA ALA B 40 11.35 -7.74 25.21
C ALA B 40 9.89 -8.07 24.89
N GLU B 41 9.01 -7.09 25.08
CA GLU B 41 7.59 -7.30 24.81
C GLU B 41 7.36 -7.54 23.32
N ASN B 42 8.07 -6.81 22.48
CA ASN B 42 7.93 -6.96 21.04
C ASN B 42 8.34 -8.36 20.57
N CYS B 43 9.54 -8.76 20.94
CA CYS B 43 10.07 -10.06 20.55
C CYS B 43 9.22 -11.20 21.10
N ALA B 44 8.83 -11.11 22.36
CA ALA B 44 8.01 -12.13 22.99
C ALA B 44 6.64 -12.22 22.32
N SER B 45 6.10 -11.07 21.93
CA SER B 45 4.79 -11.03 21.27
C SER B 45 4.84 -11.74 19.92
N ALA B 46 5.96 -11.56 19.21
CA ALA B 46 6.12 -12.20 17.92
C ALA B 46 6.16 -13.71 18.12
N GLN B 47 6.88 -14.16 19.14
CA GLN B 47 6.99 -15.58 19.42
C GLN B 47 5.63 -16.14 19.81
N ARG B 48 4.91 -15.41 20.65
CA ARG B 48 3.57 -15.80 21.12
C ARG B 48 2.60 -15.98 19.95
N ASP B 49 2.74 -15.13 18.94
CA ASP B 49 1.87 -15.17 17.75
C ASP B 49 2.34 -16.10 16.63
N GLY B 50 3.49 -16.73 16.81
CA GLY B 50 3.99 -17.63 15.77
C GLY B 50 4.74 -16.95 14.65
N SER B 51 5.16 -15.70 14.86
CA SER B 51 5.93 -14.98 13.85
C SER B 51 7.38 -15.37 14.09
N HIS B 52 7.68 -16.64 13.84
CA HIS B 52 9.00 -17.20 14.08
C HIS B 52 10.20 -16.44 13.54
N SER B 53 10.09 -15.89 12.34
CA SER B 53 11.21 -15.15 11.77
C SER B 53 11.62 -13.95 12.63
N HIS B 54 10.67 -13.40 13.37
CA HIS B 54 10.97 -12.23 14.20
C HIS B 54 10.77 -12.41 15.69
N GLY B 55 10.79 -13.66 16.13
CA GLY B 55 10.66 -13.96 17.55
C GLY B 55 12.05 -14.13 18.16
N ILE B 56 12.21 -15.11 19.04
CA ILE B 56 13.50 -15.31 19.68
C ILE B 56 14.63 -15.59 18.70
N PHE B 57 14.29 -15.94 17.47
CA PHE B 57 15.28 -16.21 16.44
C PHE B 57 16.19 -14.97 16.25
N ARG B 58 15.65 -13.81 16.57
CA ARG B 58 16.38 -12.55 16.41
C ARG B 58 17.31 -12.17 17.57
N ILE B 59 17.22 -12.86 18.69
CA ILE B 59 18.07 -12.50 19.82
C ILE B 59 19.57 -12.46 19.50
N PRO B 60 20.12 -13.51 18.90
CA PRO B 60 21.56 -13.47 18.59
C PRO B 60 21.96 -12.26 17.74
N GLY B 61 21.14 -11.95 16.74
CA GLY B 61 21.41 -10.81 15.88
C GLY B 61 21.29 -9.48 16.61
N TYR B 62 20.34 -9.40 17.53
CA TYR B 62 20.17 -8.19 18.32
C TYR B 62 21.44 -7.98 19.13
N LEU B 63 21.89 -9.05 19.78
CA LEU B 63 23.07 -8.98 20.62
C LEU B 63 24.38 -8.71 19.89
N SER B 64 24.60 -9.32 18.75
CA SER B 64 25.85 -9.08 18.03
C SER B 64 25.85 -7.67 17.45
N SER B 65 24.66 -7.15 17.14
CA SER B 65 24.58 -5.79 16.61
C SER B 65 24.91 -4.80 17.74
N LEU B 66 24.42 -5.09 18.94
CA LEU B 66 24.68 -4.24 20.09
C LEU B 66 26.15 -4.29 20.49
N ALA B 67 26.71 -5.50 20.53
CA ALA B 67 28.10 -5.69 20.92
C ALA B 67 29.08 -4.99 19.98
N SER B 68 28.72 -4.90 18.70
CA SER B 68 29.60 -4.28 17.71
C SER B 68 29.56 -2.76 17.74
N GLY B 69 28.61 -2.20 18.49
CA GLY B 69 28.47 -0.75 18.57
C GLY B 69 27.69 -0.20 17.39
N TRP B 70 27.22 -1.09 16.52
CA TRP B 70 26.46 -0.70 15.34
C TRP B 70 25.16 0.02 15.68
N VAL B 71 24.46 -0.48 16.70
CA VAL B 71 23.21 0.13 17.14
C VAL B 71 23.33 0.54 18.62
N ASP B 72 22.80 1.70 18.95
CA ASP B 72 22.87 2.22 20.31
C ASP B 72 21.65 1.81 21.14
N GLY B 73 21.86 0.82 22.02
CA GLY B 73 20.80 0.33 22.86
C GLY B 73 20.36 1.28 23.95
N LYS B 74 21.06 2.39 24.13
CA LYS B 74 20.68 3.34 25.17
C LYS B 74 20.33 4.70 24.57
N ALA B 75 20.07 4.70 23.26
CA ALA B 75 19.70 5.94 22.58
C ALA B 75 18.39 6.48 23.12
N VAL B 76 18.30 7.81 23.20
CA VAL B 76 17.10 8.47 23.67
C VAL B 76 16.47 9.17 22.46
N PRO B 77 15.30 8.68 22.01
CA PRO B 77 14.63 9.28 20.85
C PRO B 77 14.33 10.76 21.04
N VAL B 78 14.46 11.53 19.97
CA VAL B 78 14.15 12.96 20.04
C VAL B 78 12.87 13.14 19.24
N VAL B 79 11.79 13.46 19.95
CA VAL B 79 10.48 13.65 19.33
C VAL B 79 10.35 15.09 18.85
N GLU B 80 10.05 15.24 17.56
CA GLU B 80 9.93 16.56 16.95
C GLU B 80 8.51 16.85 16.47
N ASP B 81 7.85 17.77 17.15
CA ASP B 81 6.49 18.19 16.82
C ASP B 81 6.63 19.22 15.71
N VAL B 82 6.49 18.79 14.46
CA VAL B 82 6.70 19.69 13.33
C VAL B 82 5.46 20.20 12.58
N GLY B 83 4.29 19.73 12.99
CA GLY B 83 3.07 20.18 12.32
C GLY B 83 1.86 19.70 13.08
N ALA B 84 0.71 20.33 12.84
CA ALA B 84 -0.52 19.95 13.53
C ALA B 84 -0.79 18.46 13.37
N ALA B 85 -0.35 17.87 12.26
CA ALA B 85 -0.59 16.45 12.02
C ALA B 85 0.70 15.74 11.58
N PHE B 86 1.84 16.23 12.04
CA PHE B 86 3.11 15.64 11.63
C PHE B 86 4.13 15.57 12.77
N VAL B 87 4.68 14.39 13.00
CA VAL B 87 5.68 14.18 14.05
C VAL B 87 6.88 13.46 13.43
N ARG B 88 8.08 13.92 13.74
CA ARG B 88 9.28 13.25 13.28
C ARG B 88 9.98 12.79 14.54
N VAL B 89 10.76 11.71 14.44
CA VAL B 89 11.51 11.25 15.59
C VAL B 89 12.89 10.85 15.12
N ASP B 90 13.91 11.41 15.78
CA ASP B 90 15.28 11.05 15.46
C ASP B 90 15.55 9.89 16.41
N ALA B 91 15.68 8.69 15.87
CA ALA B 91 15.92 7.51 16.68
C ALA B 91 17.36 7.47 17.21
N CYS B 92 18.18 8.40 16.75
CA CYS B 92 19.57 8.53 17.19
C CYS B 92 20.35 7.22 17.17
N ASN B 93 20.30 6.54 16.02
CA ASN B 93 21.00 5.27 15.81
C ASN B 93 20.55 4.17 16.77
N GLY B 94 19.33 4.32 17.30
CA GLY B 94 18.78 3.33 18.20
C GLY B 94 17.68 2.55 17.49
N PHE B 95 16.97 1.71 18.23
CA PHE B 95 15.91 0.91 17.64
C PHE B 95 14.66 1.73 17.31
N ALA B 96 13.89 1.23 16.35
CA ALA B 96 12.69 1.91 15.92
C ALA B 96 11.54 1.88 16.93
N GLN B 97 11.35 0.73 17.57
CA GLN B 97 10.24 0.59 18.51
C GLN B 97 10.26 1.58 19.66
N PRO B 98 11.44 1.83 20.27
CA PRO B 98 11.46 2.79 21.37
C PRO B 98 11.13 4.20 20.87
N ALA B 99 11.49 4.48 19.63
CA ALA B 99 11.23 5.79 19.02
C ALA B 99 9.72 5.94 18.81
N LEU B 100 9.10 4.88 18.32
CA LEU B 100 7.66 4.88 18.11
C LEU B 100 6.96 5.07 19.46
N ALA B 101 7.42 4.35 20.48
CA ALA B 101 6.82 4.45 21.81
C ALA B 101 6.91 5.86 22.39
N ALA B 102 8.03 6.54 22.14
CA ALA B 102 8.23 7.88 22.65
C ALA B 102 7.30 8.91 22.02
N ALA B 103 6.90 8.68 20.78
CA ALA B 103 6.03 9.60 20.06
C ALA B 103 4.57 9.17 19.98
N ARG B 104 4.27 7.97 20.45
CA ARG B 104 2.91 7.42 20.38
C ARG B 104 1.80 8.32 20.89
N SER B 105 1.91 8.81 22.12
CA SER B 105 0.86 9.65 22.69
C SER B 105 0.61 10.90 21.85
N LEU B 106 1.68 11.58 21.44
CA LEU B 106 1.54 12.78 20.63
C LEU B 106 0.90 12.46 19.29
N LEU B 107 1.31 11.34 18.68
CA LEU B 107 0.79 10.93 17.39
C LEU B 107 -0.71 10.68 17.47
N ILE B 108 -1.15 9.99 18.52
CA ILE B 108 -2.57 9.70 18.68
C ILE B 108 -3.36 10.98 18.94
N ASP B 109 -2.79 11.89 19.73
CA ASP B 109 -3.48 13.16 20.00
C ASP B 109 -3.70 13.90 18.69
N LYS B 110 -2.66 13.97 17.86
CA LYS B 110 -2.77 14.67 16.58
C LYS B 110 -3.76 13.97 15.65
N ALA B 111 -3.71 12.65 15.60
CA ALA B 111 -4.61 11.89 14.74
C ALA B 111 -6.08 12.15 15.10
N ARG B 112 -6.37 12.13 16.40
CA ARG B 112 -7.74 12.37 16.85
C ARG B 112 -8.17 13.82 16.65
N SER B 113 -7.25 14.75 16.88
CA SER B 113 -7.56 16.16 16.74
C SER B 113 -7.67 16.63 15.28
N ALA B 114 -6.63 16.35 14.49
CA ALA B 114 -6.60 16.76 13.10
C ALA B 114 -7.32 15.81 12.14
N GLY B 115 -7.47 14.56 12.55
CA GLY B 115 -8.14 13.58 11.71
C GLY B 115 -7.19 12.50 11.22
N VAL B 116 -5.94 12.89 11.00
CA VAL B 116 -4.91 11.99 10.54
C VAL B 116 -3.58 12.60 10.96
N ALA B 117 -2.57 11.75 11.15
CA ALA B 117 -1.26 12.23 11.54
C ALA B 117 -0.20 11.27 11.05
N ILE B 118 0.99 11.81 10.79
CA ILE B 118 2.10 11.01 10.31
C ILE B 118 3.23 11.00 11.32
N LEU B 119 3.90 9.86 11.42
CA LEU B 119 5.07 9.72 12.28
C LEU B 119 6.18 9.29 11.34
N ALA B 120 7.23 10.10 11.25
CA ALA B 120 8.37 9.81 10.39
C ALA B 120 9.61 9.56 11.24
N ILE B 121 9.98 8.30 11.38
CA ILE B 121 11.14 7.92 12.18
C ILE B 121 12.38 7.80 11.30
N ARG B 122 13.47 8.43 11.70
CA ARG B 122 14.71 8.36 10.94
C ARG B 122 15.86 7.90 11.83
N GLY B 123 16.89 7.33 11.22
CA GLY B 123 18.06 6.85 11.93
C GLY B 123 17.77 5.70 12.87
N SER B 124 16.79 4.88 12.49
CA SER B 124 16.35 3.76 13.31
C SER B 124 16.70 2.37 12.82
N HIS B 125 16.76 1.43 13.76
CA HIS B 125 17.05 0.03 13.46
C HIS B 125 15.78 -0.77 13.78
N HIS B 126 15.23 -1.44 12.76
CA HIS B 126 14.01 -2.24 12.92
C HIS B 126 14.39 -3.68 12.60
N PHE B 127 14.27 -4.55 13.61
CA PHE B 127 14.66 -5.95 13.48
C PHE B 127 13.52 -6.84 13.95
N ALA B 128 12.30 -6.45 13.61
CA ALA B 128 11.12 -7.18 14.06
C ALA B 128 9.99 -7.22 13.04
N ALA B 129 8.89 -7.82 13.45
CA ALA B 129 7.70 -7.90 12.61
C ALA B 129 7.13 -6.49 12.58
N LEU B 130 6.30 -6.19 11.59
CA LEU B 130 5.72 -4.86 11.50
C LEU B 130 4.32 -4.75 12.10
N TRP B 131 3.58 -5.85 12.14
CA TRP B 131 2.23 -5.80 12.70
C TRP B 131 2.15 -5.27 14.15
N PRO B 132 3.17 -5.52 14.98
CA PRO B 132 3.08 -5.01 16.35
C PRO B 132 3.03 -3.49 16.39
N ASP B 133 3.49 -2.86 15.33
CA ASP B 133 3.51 -1.41 15.29
C ASP B 133 2.16 -0.77 14.95
N VAL B 134 1.30 -1.50 14.24
CA VAL B 134 -0.01 -0.96 13.89
C VAL B 134 -1.15 -1.48 14.75
N GLU B 135 -1.00 -2.68 15.30
CA GLU B 135 -2.05 -3.28 16.12
C GLU B 135 -2.61 -2.39 17.24
N PRO B 136 -1.74 -1.78 18.06
CA PRO B 136 -2.23 -0.93 19.16
C PRO B 136 -3.16 0.20 18.74
N PHE B 137 -2.90 0.79 17.57
CA PHE B 137 -3.74 1.88 17.10
C PHE B 137 -5.13 1.35 16.77
N ALA B 138 -5.18 0.18 16.14
CA ALA B 138 -6.45 -0.42 15.76
C ALA B 138 -7.24 -0.84 17.01
N GLU B 139 -6.53 -1.28 18.04
CA GLU B 139 -7.18 -1.69 19.28
C GLU B 139 -7.86 -0.49 19.92
N GLN B 140 -7.38 0.71 19.57
CA GLN B 140 -7.92 1.95 20.10
C GLN B 140 -8.91 2.64 19.16
N GLY B 141 -9.33 1.92 18.13
CA GLY B 141 -10.31 2.45 17.18
C GLY B 141 -9.78 3.29 16.04
N LEU B 142 -8.46 3.29 15.84
CA LEU B 142 -7.85 4.07 14.77
C LEU B 142 -7.35 3.15 13.67
N VAL B 143 -7.18 3.70 12.47
CA VAL B 143 -6.66 2.94 11.35
C VAL B 143 -5.19 3.31 11.23
N ALA B 144 -4.33 2.33 11.01
CA ALA B 144 -2.91 2.61 10.89
C ALA B 144 -2.26 1.89 9.73
N LEU B 145 -1.34 2.58 9.07
CA LEU B 145 -0.61 2.02 7.93
C LEU B 145 0.86 2.28 8.23
N SER B 146 1.72 1.31 7.98
CA SER B 146 3.14 1.52 8.23
C SER B 146 4.00 0.84 7.17
N MET B 147 5.18 1.40 6.94
CA MET B 147 6.13 0.86 5.99
C MET B 147 7.54 1.02 6.55
N VAL B 148 8.38 0.01 6.32
CA VAL B 148 9.76 0.03 6.77
C VAL B 148 10.60 -0.69 5.72
N ASN B 149 11.79 -0.14 5.44
CA ASN B 149 12.69 -0.75 4.47
C ASN B 149 13.81 -1.41 5.28
N SER B 150 14.54 -2.32 4.66
CA SER B 150 15.60 -3.07 5.35
C SER B 150 16.94 -2.91 4.65
N MET B 151 17.68 -4.01 4.54
CA MET B 151 18.95 -3.96 3.82
C MET B 151 18.61 -4.51 2.44
N THR B 152 19.44 -4.18 1.47
CA THR B 152 19.24 -4.60 0.09
C THR B 152 19.15 -6.11 -0.10
N CYS B 153 18.11 -6.56 -0.79
CA CYS B 153 17.94 -7.99 -1.05
C CYS B 153 16.95 -8.29 -2.17
N VAL B 154 16.29 -7.26 -2.72
CA VAL B 154 15.30 -7.47 -3.77
C VAL B 154 15.64 -6.80 -5.09
N VAL B 155 15.53 -7.56 -6.18
CA VAL B 155 15.81 -7.05 -7.51
C VAL B 155 14.57 -6.37 -8.08
N PRO B 156 14.66 -5.06 -8.37
CA PRO B 156 13.50 -4.35 -8.92
C PRO B 156 13.06 -4.98 -10.23
N HIS B 157 11.78 -4.87 -10.55
CA HIS B 157 11.27 -5.45 -11.78
C HIS B 157 12.03 -4.92 -12.98
N GLY B 158 12.55 -5.82 -13.81
CA GLY B 158 13.29 -5.42 -14.98
C GLY B 158 14.77 -5.14 -14.73
N ALA B 159 15.18 -5.19 -13.47
CA ALA B 159 16.59 -4.94 -13.14
C ALA B 159 17.39 -6.24 -13.08
N ARG B 160 18.71 -6.10 -12.96
CA ARG B 160 19.59 -7.27 -12.91
C ARG B 160 20.21 -7.50 -11.53
N GLN B 161 20.32 -6.43 -10.74
CA GLN B 161 20.90 -6.53 -9.41
C GLN B 161 19.94 -6.09 -8.32
N PRO B 162 20.14 -6.58 -7.09
CA PRO B 162 19.25 -6.19 -5.99
C PRO B 162 19.45 -4.74 -5.57
N LEU B 163 18.40 -4.13 -5.01
CA LEU B 163 18.46 -2.75 -4.57
C LEU B 163 17.50 -2.48 -3.41
N PHE B 164 16.25 -2.88 -3.57
CA PHE B 164 15.25 -2.66 -2.53
C PHE B 164 15.43 -3.65 -1.38
N GLY B 165 14.86 -3.32 -0.23
CA GLY B 165 14.91 -4.21 0.92
C GLY B 165 13.69 -5.12 0.85
N THR B 166 13.46 -5.93 1.88
CA THR B 166 12.31 -6.83 1.90
C THR B 166 11.03 -5.99 2.00
N ASN B 167 11.20 -4.76 2.46
CA ASN B 167 10.16 -3.73 2.54
C ASN B 167 8.69 -4.08 2.81
N PRO B 168 8.38 -4.44 4.06
CA PRO B 168 7.00 -4.78 4.40
C PRO B 168 6.05 -3.58 4.54
N ILE B 169 4.76 -3.86 4.36
CA ILE B 169 3.70 -2.87 4.51
C ILE B 169 2.74 -3.51 5.50
N ALA B 170 2.32 -2.75 6.52
CA ALA B 170 1.40 -3.27 7.51
C ALA B 170 0.18 -2.37 7.61
N PHE B 171 -0.96 -2.97 7.93
CA PHE B 171 -2.21 -2.23 8.03
C PHE B 171 -3.04 -2.77 9.18
N GLY B 172 -3.66 -1.87 9.94
CA GLY B 172 -4.49 -2.28 11.05
C GLY B 172 -5.77 -1.47 11.09
N ALA B 173 -6.91 -2.13 11.28
CA ALA B 173 -8.20 -1.43 11.33
C ALA B 173 -9.13 -2.09 12.33
N PRO B 174 -9.92 -1.30 13.06
CA PRO B 174 -10.84 -1.85 14.05
C PRO B 174 -12.10 -2.43 13.42
N ARG B 175 -12.73 -3.35 14.15
CA ARG B 175 -13.98 -3.98 13.72
C ARG B 175 -14.84 -4.06 14.97
N ALA B 176 -16.12 -3.75 14.82
CA ALA B 176 -17.06 -3.74 15.94
C ALA B 176 -17.21 -5.05 16.71
N GLY B 177 -17.13 -6.18 16.02
CA GLY B 177 -17.31 -7.45 16.71
C GLY B 177 -16.12 -8.40 16.85
N GLY B 178 -14.92 -7.86 16.92
CA GLY B 178 -13.76 -8.73 17.06
C GLY B 178 -12.45 -7.98 17.21
N GLU B 179 -11.35 -8.71 17.20
CA GLU B 179 -10.02 -8.13 17.32
C GLU B 179 -9.71 -7.38 16.02
N PRO B 180 -8.75 -6.46 16.05
CA PRO B 180 -8.39 -5.69 14.86
C PRO B 180 -8.04 -6.53 13.63
N ILE B 181 -8.41 -6.01 12.46
CA ILE B 181 -8.08 -6.65 11.20
C ILE B 181 -6.68 -6.14 10.94
N VAL B 182 -5.71 -7.05 10.83
CA VAL B 182 -4.34 -6.65 10.62
C VAL B 182 -3.57 -7.53 9.65
N PHE B 183 -2.82 -6.91 8.76
CA PHE B 183 -1.97 -7.67 7.87
C PHE B 183 -0.60 -7.02 7.87
N ASP B 184 0.41 -7.82 7.55
CA ASP B 184 1.80 -7.40 7.53
C ASP B 184 2.44 -8.25 6.44
N LEU B 185 2.67 -7.64 5.27
CA LEU B 185 3.23 -8.37 4.15
C LEU B 185 4.53 -7.79 3.61
N ALA B 186 5.49 -8.66 3.35
CA ALA B 186 6.75 -8.22 2.77
C ALA B 186 6.42 -7.98 1.31
N THR B 187 7.07 -7.00 0.68
CA THR B 187 6.81 -6.78 -0.73
C THR B 187 7.71 -7.70 -1.55
N SER B 188 8.57 -8.46 -0.87
CA SER B 188 9.40 -9.44 -1.56
C SER B 188 8.53 -10.70 -1.64
N ALA B 189 8.80 -11.57 -2.61
CA ALA B 189 8.03 -12.80 -2.80
C ALA B 189 7.86 -13.57 -1.50
N ILE B 190 8.93 -13.62 -0.73
CA ILE B 190 8.93 -14.27 0.57
C ILE B 190 9.70 -13.30 1.45
N ALA B 191 9.37 -13.22 2.73
CA ALA B 191 10.07 -12.31 3.63
C ALA B 191 11.52 -12.77 3.77
N HIS B 192 12.45 -11.81 3.80
CA HIS B 192 13.86 -12.13 3.92
C HIS B 192 14.09 -12.96 5.19
N GLY B 193 13.39 -12.60 6.26
CA GLY B 193 13.54 -13.30 7.52
C GLY B 193 13.21 -14.79 7.42
N ASP B 194 12.24 -15.13 6.59
CA ASP B 194 11.87 -16.52 6.43
C ASP B 194 12.92 -17.28 5.62
N VAL B 195 13.69 -16.55 4.82
CA VAL B 195 14.76 -17.18 4.05
C VAL B 195 15.83 -17.62 5.05
N GLN B 196 16.08 -16.78 6.05
CA GLN B 196 17.07 -17.10 7.08
C GLN B 196 16.63 -18.30 7.91
N ILE B 197 15.34 -18.35 8.24
CA ILE B 197 14.79 -19.46 9.01
C ILE B 197 15.03 -20.76 8.24
N ALA B 198 14.72 -20.74 6.95
CA ALA B 198 14.90 -21.93 6.10
C ALA B 198 16.36 -22.37 6.07
N ALA B 199 17.26 -21.40 5.95
CA ALA B 199 18.70 -21.70 5.90
C ALA B 199 19.15 -22.31 7.22
N ARG B 200 18.59 -21.81 8.32
CA ARG B 200 18.95 -22.31 9.65
C ARG B 200 18.45 -23.73 9.85
N GLU B 201 17.24 -24.00 9.37
CA GLU B 201 16.64 -25.32 9.50
C GLU B 201 17.10 -26.25 8.38
N GLY B 202 18.09 -25.79 7.61
CA GLY B 202 18.65 -26.57 6.53
C GLY B 202 17.66 -27.15 5.52
N ARG B 203 16.64 -26.39 5.16
CA ARG B 203 15.67 -26.88 4.19
C ARG B 203 15.54 -25.95 2.98
N LEU B 204 14.87 -26.42 1.94
CA LEU B 204 14.69 -25.65 0.73
C LEU B 204 13.43 -24.80 0.78
N LEU B 205 13.38 -23.80 -0.11
CA LEU B 205 12.23 -22.91 -0.19
C LEU B 205 11.41 -23.24 -1.42
N PRO B 206 10.15 -22.78 -1.46
CA PRO B 206 9.36 -23.08 -2.66
C PRO B 206 10.06 -22.32 -3.78
N ALA B 207 9.86 -22.76 -5.01
CA ALA B 207 10.51 -22.11 -6.15
C ALA B 207 9.81 -20.81 -6.54
N GLY B 208 10.48 -20.04 -7.40
CA GLY B 208 9.94 -18.79 -7.90
C GLY B 208 9.96 -17.61 -6.95
N MET B 209 10.80 -17.66 -5.92
CA MET B 209 10.88 -16.57 -4.95
C MET B 209 12.21 -15.84 -4.95
N GLY B 210 13.25 -16.49 -5.47
CA GLY B 210 14.55 -15.86 -5.49
C GLY B 210 15.49 -16.41 -6.54
N VAL B 211 16.66 -15.81 -6.63
CA VAL B 211 17.68 -16.22 -7.59
C VAL B 211 19.06 -16.23 -6.93
N ASP B 212 20.02 -16.88 -7.59
CA ASP B 212 21.37 -16.94 -7.05
C ASP B 212 22.22 -15.77 -7.55
N ARG B 213 23.51 -15.79 -7.24
CA ARG B 213 24.42 -14.73 -7.65
C ARG B 213 24.49 -14.53 -9.15
N ASP B 214 24.10 -15.55 -9.91
CA ASP B 214 24.13 -15.45 -11.37
C ASP B 214 22.78 -15.05 -11.96
N GLY B 215 21.82 -14.76 -11.08
CA GLY B 215 20.50 -14.36 -11.52
C GLY B 215 19.64 -15.52 -12.00
N LEU B 216 20.04 -16.73 -11.65
CA LEU B 216 19.30 -17.93 -12.03
C LEU B 216 18.37 -18.38 -10.92
N PRO B 217 17.23 -18.98 -11.27
CA PRO B 217 16.27 -19.45 -10.26
C PRO B 217 16.90 -20.40 -9.25
N THR B 218 16.51 -20.28 -7.99
CA THR B 218 17.03 -21.16 -6.96
C THR B 218 16.02 -21.37 -5.83
N GLN B 219 16.17 -22.50 -5.14
CA GLN B 219 15.31 -22.82 -4.01
C GLN B 219 16.17 -22.97 -2.76
N GLU B 220 17.47 -22.74 -2.92
CA GLU B 220 18.40 -22.85 -1.80
C GLU B 220 18.53 -21.50 -1.10
N PRO B 221 18.04 -21.41 0.14
CA PRO B 221 18.12 -20.15 0.88
C PRO B 221 19.55 -19.60 0.96
N ARG B 222 20.53 -20.48 1.08
CA ARG B 222 21.91 -20.02 1.16
C ARG B 222 22.36 -19.35 -0.13
N ALA B 223 21.84 -19.81 -1.26
CA ALA B 223 22.20 -19.24 -2.55
C ALA B 223 21.64 -17.81 -2.68
N ILE B 224 20.50 -17.58 -2.06
CA ILE B 224 19.88 -16.26 -2.10
C ILE B 224 20.62 -15.33 -1.14
N LEU B 225 20.89 -15.82 0.06
CA LEU B 225 21.57 -15.05 1.08
C LEU B 225 23.02 -14.71 0.72
N ASP B 226 23.69 -15.61 0.01
CA ASP B 226 25.08 -15.38 -0.36
C ASP B 226 25.28 -14.87 -1.79
N GLY B 227 25.02 -13.58 -2.00
CA GLY B 227 25.19 -13.00 -3.31
C GLY B 227 23.97 -13.08 -4.22
N GLY B 228 22.94 -13.78 -3.75
CA GLY B 228 21.72 -13.92 -4.53
C GLY B 228 20.75 -12.79 -4.24
N ALA B 229 19.47 -12.99 -4.56
CA ALA B 229 18.47 -11.96 -4.33
C ALA B 229 17.05 -12.52 -4.34
N LEU B 230 16.12 -11.72 -3.84
CA LEU B 230 14.72 -12.11 -3.80
C LEU B 230 13.96 -11.36 -4.89
N LEU B 231 12.84 -11.93 -5.32
CA LEU B 231 12.02 -11.31 -6.35
C LEU B 231 10.87 -10.54 -5.71
N PRO B 232 10.40 -9.48 -6.36
CA PRO B 232 9.27 -8.73 -5.78
C PRO B 232 7.99 -9.55 -5.97
N PHE B 233 7.12 -9.53 -4.98
CA PHE B 233 5.89 -10.31 -5.06
C PHE B 233 4.96 -9.83 -6.17
N GLY B 234 4.25 -10.77 -6.76
CA GLY B 234 3.29 -10.46 -7.81
C GLY B 234 3.83 -9.93 -9.12
N GLY B 235 5.14 -9.66 -9.17
CA GLY B 235 5.72 -9.15 -10.40
C GLY B 235 5.95 -7.65 -10.35
N HIS B 236 5.66 -6.97 -11.45
CA HIS B 236 5.87 -5.53 -11.52
C HIS B 236 5.12 -4.71 -10.48
N LYS B 237 3.92 -5.14 -10.11
CA LYS B 237 3.16 -4.40 -9.11
C LYS B 237 3.82 -4.42 -7.73
N GLY B 238 4.35 -5.57 -7.34
CA GLY B 238 5.01 -5.66 -6.05
C GLY B 238 6.28 -4.82 -6.03
N SER B 239 6.93 -4.74 -7.18
CA SER B 239 8.15 -3.94 -7.29
C SER B 239 7.81 -2.46 -7.11
N ALA B 240 6.70 -2.02 -7.69
CA ALA B 240 6.29 -0.63 -7.58
C ALA B 240 5.99 -0.31 -6.11
N LEU B 241 5.34 -1.24 -5.42
CA LEU B 241 5.02 -1.04 -4.01
C LEU B 241 6.31 -1.02 -3.18
N SER B 242 7.29 -1.84 -3.56
CA SER B 242 8.57 -1.85 -2.83
C SER B 242 9.28 -0.52 -2.99
N MET B 243 9.21 0.05 -4.19
CA MET B 243 9.83 1.34 -4.45
C MET B 243 9.14 2.37 -3.56
N MET B 244 7.82 2.26 -3.45
CA MET B 244 7.05 3.18 -2.61
C MET B 244 7.53 3.07 -1.17
N VAL B 245 7.82 1.86 -0.70
CA VAL B 245 8.29 1.70 0.66
C VAL B 245 9.63 2.41 0.86
N GLU B 246 10.54 2.30 -0.11
CA GLU B 246 11.81 3.01 0.02
C GLU B 246 11.55 4.51 0.14
N LEU B 247 10.69 5.02 -0.73
CA LEU B 247 10.38 6.44 -0.74
C LEU B 247 9.71 6.95 0.53
N LEU B 248 8.84 6.13 1.11
CA LEU B 248 8.11 6.54 2.31
C LEU B 248 8.85 6.28 3.63
N ALA B 249 9.48 5.12 3.75
CA ALA B 249 10.18 4.81 5.00
C ALA B 249 11.54 5.48 5.12
N ALA B 250 12.15 5.81 3.98
CA ALA B 250 13.48 6.44 3.99
C ALA B 250 13.49 7.79 3.30
N GLY B 251 13.02 7.84 2.07
CA GLY B 251 13.02 9.10 1.34
C GLY B 251 12.34 10.24 2.06
N LEU B 252 11.17 9.96 2.63
CA LEU B 252 10.41 10.98 3.33
C LEU B 252 10.86 11.22 4.77
N THR B 253 11.29 10.17 5.45
CA THR B 253 11.69 10.28 6.84
C THR B 253 13.07 10.87 7.09
N GLY B 254 13.97 10.67 6.12
CA GLY B 254 15.34 11.15 6.27
C GLY B 254 16.27 9.98 6.55
N GLY B 255 15.69 8.79 6.75
CA GLY B 255 16.50 7.62 7.00
C GLY B 255 17.15 7.10 5.72
N ASN B 256 18.11 6.20 5.87
CA ASN B 256 18.82 5.63 4.72
C ASN B 256 17.94 4.73 3.88
N PHE B 257 18.16 4.73 2.56
CA PHE B 257 17.46 3.81 1.69
C PHE B 257 18.12 2.47 2.05
N SER B 258 17.54 1.35 1.62
CA SER B 258 18.08 0.04 1.96
C SER B 258 19.52 -0.20 1.56
N PHE B 259 19.97 0.53 0.56
CA PHE B 259 21.33 0.39 0.04
C PHE B 259 22.29 1.48 0.52
N GLU B 260 21.83 2.33 1.43
CA GLU B 260 22.65 3.43 1.91
C GLU B 260 23.33 3.29 3.26
N PHE B 261 23.65 2.07 3.66
CA PHE B 261 24.36 1.86 4.92
C PHE B 261 25.26 0.65 4.75
N ASP B 262 26.38 0.66 5.47
CA ASP B 262 27.35 -0.41 5.39
C ASP B 262 27.81 -0.81 6.78
N TRP B 263 27.63 -2.08 7.12
CA TRP B 263 28.04 -2.56 8.42
C TRP B 263 29.31 -3.42 8.34
N SER B 264 30.05 -3.28 7.24
CA SER B 264 31.27 -4.06 7.04
C SER B 264 32.32 -3.74 8.10
N LYS B 265 32.26 -2.53 8.66
CA LYS B 265 33.21 -2.10 9.68
C LYS B 265 32.75 -2.54 11.07
N HIS B 266 31.57 -3.16 11.15
CA HIS B 266 31.03 -3.60 12.42
C HIS B 266 30.71 -5.09 12.42
N PRO B 267 31.72 -5.94 12.64
CA PRO B 267 31.51 -7.39 12.64
C PRO B 267 30.37 -7.77 13.58
N GLY B 268 29.40 -8.52 13.07
CA GLY B 268 28.28 -8.93 13.87
C GLY B 268 27.02 -8.10 13.65
N ALA B 269 27.17 -6.95 12.99
CA ALA B 269 26.03 -6.08 12.73
C ALA B 269 25.05 -6.75 11.79
N GLN B 270 23.76 -6.72 12.15
CA GLN B 270 22.72 -7.35 11.34
C GLN B 270 21.45 -6.51 11.23
N THR B 271 21.38 -5.43 11.99
CA THR B 271 20.18 -4.59 11.95
C THR B 271 20.24 -3.49 10.90
N PRO B 272 19.18 -3.36 10.08
CA PRO B 272 19.18 -2.31 9.06
C PRO B 272 19.10 -0.95 9.74
N TRP B 273 19.86 0.02 9.23
CA TRP B 273 19.85 1.37 9.79
C TRP B 273 19.14 2.24 8.77
N THR B 274 17.83 2.36 8.92
CA THR B 274 17.03 3.11 7.96
C THR B 274 16.02 4.06 8.61
N GLY B 275 14.73 3.79 8.42
CA GLY B 275 13.69 4.63 8.98
C GLY B 275 12.35 3.92 8.93
N GLN B 276 11.29 4.60 9.34
CA GLN B 276 9.96 4.01 9.35
C GLN B 276 8.88 5.07 9.25
N LEU B 277 7.84 4.77 8.47
CA LEU B 277 6.72 5.70 8.34
C LEU B 277 5.47 5.07 8.92
N LEU B 278 4.69 5.86 9.64
CA LEU B 278 3.42 5.43 10.19
C LEU B 278 2.39 6.50 9.90
N ILE B 279 1.22 6.07 9.44
CA ILE B 279 0.11 6.98 9.17
C ILE B 279 -1.04 6.48 10.05
N VAL B 280 -1.53 7.35 10.92
CA VAL B 280 -2.63 6.98 11.83
C VAL B 280 -3.83 7.86 11.52
N ILE B 281 -4.98 7.23 11.35
CA ILE B 281 -6.20 7.92 10.96
C ILE B 281 -7.41 7.68 11.85
N ASP B 282 -8.20 8.73 12.09
CA ASP B 282 -9.45 8.56 12.83
C ASP B 282 -10.44 8.41 11.66
N PRO B 283 -10.83 7.17 11.35
CA PRO B 283 -11.76 6.93 10.23
C PRO B 283 -13.11 7.61 10.33
N ASP B 284 -13.51 8.00 11.54
CA ASP B 284 -14.79 8.65 11.74
C ASP B 284 -14.75 10.18 11.88
N LYS B 285 -13.59 10.78 11.64
CA LYS B 285 -13.48 12.24 11.76
C LYS B 285 -14.55 12.93 10.91
N GLY B 286 -15.46 13.63 11.57
CA GLY B 286 -16.53 14.34 10.88
C GLY B 286 -17.47 13.44 10.08
N ALA B 287 -17.47 12.15 10.41
CA ALA B 287 -18.29 11.17 9.70
C ALA B 287 -19.73 11.05 10.20
N GLY B 288 -20.61 10.61 9.30
CA GLY B 288 -22.01 10.44 9.64
C GLY B 288 -22.32 8.96 9.73
N GLN B 289 -21.31 8.17 10.06
CA GLN B 289 -21.42 6.73 10.21
C GLN B 289 -20.28 6.24 11.09
N HIS B 290 -20.26 4.93 11.35
CA HIS B 290 -19.20 4.36 12.17
C HIS B 290 -18.38 3.33 11.38
N PHE B 291 -17.11 3.63 11.20
CA PHE B 291 -16.20 2.75 10.48
C PHE B 291 -16.21 1.32 10.99
N ALA B 292 -16.17 1.15 12.31
CA ALA B 292 -16.14 -0.19 12.90
C ALA B 292 -17.34 -1.04 12.51
N GLN B 293 -18.47 -0.39 12.24
CA GLN B 293 -19.66 -1.13 11.84
C GLN B 293 -19.51 -1.54 10.38
N ARG B 294 -18.92 -0.66 9.57
CA ARG B 294 -18.71 -0.95 8.15
C ARG B 294 -17.72 -2.10 8.00
N SER B 295 -16.63 -2.06 8.78
CA SER B 295 -15.64 -3.12 8.68
C SER B 295 -16.18 -4.47 9.16
N GLU B 296 -17.05 -4.44 10.16
CA GLU B 296 -17.65 -5.68 10.66
C GLU B 296 -18.54 -6.27 9.57
N GLU B 297 -19.21 -5.41 8.81
CA GLU B 297 -20.07 -5.86 7.71
C GLU B 297 -19.21 -6.49 6.62
N LEU B 298 -18.03 -5.90 6.38
CA LEU B 298 -17.13 -6.46 5.37
C LEU B 298 -16.68 -7.84 5.82
N VAL B 299 -16.43 -7.99 7.12
CA VAL B 299 -16.02 -9.27 7.66
C VAL B 299 -17.13 -10.30 7.46
N ARG B 300 -18.36 -9.88 7.73
CA ARG B 300 -19.51 -10.78 7.57
C ARG B 300 -19.62 -11.24 6.12
N GLN B 301 -19.44 -10.30 5.19
CA GLN B 301 -19.53 -10.62 3.77
C GLN B 301 -18.37 -11.51 3.32
N LEU B 302 -17.18 -11.30 3.90
CA LEU B 302 -16.05 -12.14 3.55
C LEU B 302 -16.31 -13.58 3.96
N HIS B 303 -16.88 -13.76 5.16
CA HIS B 303 -17.19 -15.12 5.59
C HIS B 303 -18.27 -15.69 4.70
N GLY B 304 -19.19 -14.82 4.27
CA GLY B 304 -20.27 -15.24 3.40
C GLY B 304 -19.82 -15.80 2.06
N VAL B 305 -18.75 -15.25 1.49
CA VAL B 305 -18.26 -15.75 0.21
C VAL B 305 -17.23 -16.87 0.36
N GLY B 306 -16.97 -17.27 1.60
CA GLY B 306 -16.04 -18.36 1.80
C GLY B 306 -14.65 -18.10 2.35
N GLN B 307 -14.34 -16.86 2.70
CA GLN B 307 -13.01 -16.62 3.25
C GLN B 307 -13.07 -16.93 4.74
N GLU B 308 -12.67 -18.16 5.08
CA GLU B 308 -12.69 -18.61 6.47
C GLU B 308 -11.75 -17.80 7.34
N ARG B 309 -10.53 -17.59 6.87
CA ARG B 309 -9.54 -16.85 7.64
C ARG B 309 -9.37 -15.41 7.18
N LEU B 310 -9.57 -14.49 8.12
CA LEU B 310 -9.43 -13.06 7.88
C LEU B 310 -7.98 -12.71 8.19
N PRO B 311 -7.43 -11.68 7.52
CA PRO B 311 -6.03 -11.32 7.81
C PRO B 311 -5.84 -11.10 9.30
N GLY B 312 -4.91 -11.84 9.89
CA GLY B 312 -4.65 -11.73 11.31
C GLY B 312 -5.11 -12.94 12.11
N ASP B 313 -6.11 -13.65 11.57
CA ASP B 313 -6.66 -14.83 12.25
C ASP B 313 -5.61 -15.87 12.60
N ARG B 314 -4.67 -16.11 11.70
CA ARG B 314 -3.63 -17.10 11.93
C ARG B 314 -2.88 -16.76 13.21
N ARG B 315 -2.47 -15.50 13.36
CA ARG B 315 -1.75 -15.09 14.55
C ARG B 315 -2.63 -15.08 15.79
N TYR B 316 -3.90 -14.71 15.66
CA TYR B 316 -4.78 -14.71 16.82
C TYR B 316 -4.99 -16.13 17.33
N LEU B 317 -4.98 -17.10 16.43
CA LEU B 317 -5.16 -18.50 16.81
C LEU B 317 -3.93 -18.98 17.59
N GLU B 318 -2.76 -18.65 17.08
CA GLU B 318 -1.52 -19.05 17.75
C GLU B 318 -1.41 -18.33 19.08
N ARG B 319 -1.84 -17.07 19.12
CA ARG B 319 -1.80 -16.29 20.33
C ARG B 319 -2.63 -16.97 21.43
N ALA B 320 -3.85 -17.37 21.07
CA ALA B 320 -4.74 -18.04 22.01
C ALA B 320 -4.12 -19.35 22.51
N ARG B 321 -3.48 -20.08 21.60
CA ARG B 321 -2.85 -21.34 21.95
C ARG B 321 -1.67 -21.11 22.90
N SER B 322 -0.91 -20.04 22.65
CA SER B 322 0.24 -19.71 23.49
C SER B 322 -0.20 -19.34 24.90
N MET B 323 -1.29 -18.59 25.00
CA MET B 323 -1.79 -18.16 26.31
C MET B 323 -2.43 -19.30 27.08
N ALA B 324 -2.91 -20.32 26.36
CA ALA B 324 -3.56 -21.46 27.00
C ALA B 324 -2.63 -22.60 27.35
N HIS B 325 -1.69 -22.90 26.45
CA HIS B 325 -0.76 -24.00 26.67
C HIS B 325 0.68 -23.55 26.85
N GLY B 326 0.91 -22.25 26.76
CA GLY B 326 2.25 -21.72 26.90
C GLY B 326 2.94 -21.66 25.55
N ILE B 327 4.07 -20.95 25.51
CA ILE B 327 4.83 -20.80 24.28
C ILE B 327 5.85 -21.93 24.14
N VAL B 328 5.71 -22.71 23.07
CA VAL B 328 6.60 -23.83 22.81
C VAL B 328 7.98 -23.34 22.38
N ILE B 329 9.01 -23.83 23.05
CA ILE B 329 10.37 -23.44 22.75
C ILE B 329 11.31 -24.64 22.87
N ALA B 330 12.25 -24.75 21.95
CA ALA B 330 13.22 -25.84 21.98
C ALA B 330 13.98 -25.76 23.28
N GLN B 331 14.14 -26.89 23.96
CA GLN B 331 14.85 -26.93 25.23
C GLN B 331 16.20 -26.23 25.13
N ALA B 332 16.92 -26.49 24.04
CA ALA B 332 18.23 -25.89 23.82
C ALA B 332 18.15 -24.37 23.72
N ASP B 333 17.10 -23.87 23.08
CA ASP B 333 16.93 -22.44 22.92
C ASP B 333 16.60 -21.75 24.25
N LEU B 334 15.78 -22.41 25.06
CA LEU B 334 15.41 -21.85 26.35
C LEU B 334 16.63 -21.78 27.26
N GLU B 335 17.44 -22.84 27.24
CA GLU B 335 18.64 -22.87 28.07
C GLU B 335 19.63 -21.80 27.63
N ARG B 336 19.66 -21.52 26.33
CA ARG B 336 20.56 -20.50 25.81
C ARG B 336 20.11 -19.12 26.27
N LEU B 337 18.80 -18.88 26.23
CA LEU B 337 18.26 -17.60 26.66
C LEU B 337 18.47 -17.41 28.16
N GLN B 338 18.28 -18.49 28.92
CA GLN B 338 18.46 -18.40 30.37
C GLN B 338 19.91 -18.07 30.71
N GLU B 339 20.84 -18.65 29.94
CA GLU B 339 22.25 -18.39 30.16
C GLU B 339 22.58 -16.93 29.83
N LEU B 340 22.04 -16.43 28.72
CA LEU B 340 22.27 -15.06 28.31
C LEU B 340 21.74 -14.08 29.35
N ALA B 341 20.70 -14.49 30.09
CA ALA B 341 20.11 -13.64 31.11
C ALA B 341 20.89 -13.69 32.42
N GLY B 342 21.80 -14.66 32.55
CA GLY B 342 22.60 -14.78 33.75
C GLY B 342 22.32 -16.01 34.57
N HIS B 343 21.28 -16.76 34.20
CA HIS B 343 20.92 -17.98 34.94
C HIS B 343 21.96 -19.08 34.75
#